data_3BJS
#
_entry.id   3BJS
#
_cell.length_a   274.640
_cell.length_b   274.640
_cell.length_c   274.640
_cell.angle_alpha   90.00
_cell.angle_beta   90.00
_cell.angle_gamma   90.00
#
_symmetry.space_group_name_H-M   'F 4 3 2'
#
loop_
_entity.id
_entity.type
_entity.pdbx_description
1 polymer 'Mandelate racemase/muconate lactonizing enzyme'
2 non-polymer 'MAGNESIUM ION'
3 water water
#
_entity_poly.entity_id   1
_entity_poly.type   'polypeptide(L)'
_entity_poly.pdbx_seq_one_letter_code
;MSLQWECWPSLPCWRCFAASGRITLSIKRFTQNSRRHDMKITKINAIPLSYRLPEGKTVTMGVGSTIKRDAIIIRVETSE
GITGYGEAHPGRSPGAITSLIHNTIAPMLIGMKATDCVGAWQRVHRMQLSSHGLGAGAALAISGIDMALWDIRGKAANMP
LYELLGGSKRRIPAYAGGIALGYQPKESLAEEAQEYIARGYKALKLRIGDAARVDIERVRHVRKVLGDEVDILTDANTAY
TMADARRVLPVLAEIQAGWLEEPFACNDFASYREVAKITPLVPIAAGENHYTRFEFGQMLDAGAVQVWQPDLSKCGGITE
GIRIAAMASAYRIPINAHSSATGLNHAATIHFLAATENAGYFEACVSKFNPFRDMFGTSFEIGADGCVEPPDAPGLGIEV
DESIFEKYPAVDGPGYVVKFEGHHHHHH
;
_entity_poly.pdbx_strand_id   A,B
#
# COMPACT_ATOMS: atom_id res chain seq x y z
N MET A 39 -18.17 -17.91 -21.06
CA MET A 39 -18.24 -17.95 -19.57
C MET A 39 -17.80 -16.59 -18.98
N LYS A 40 -18.78 -15.81 -18.54
CA LYS A 40 -18.55 -14.49 -17.97
C LYS A 40 -18.66 -14.50 -16.44
N ILE A 41 -18.16 -13.45 -15.80
CA ILE A 41 -18.29 -13.29 -14.35
C ILE A 41 -19.64 -12.63 -14.03
N THR A 42 -20.39 -13.25 -13.13
CA THR A 42 -21.71 -12.74 -12.75
C THR A 42 -21.72 -12.07 -11.37
N LYS A 43 -21.18 -12.76 -10.37
CA LYS A 43 -21.16 -12.26 -8.98
C LYS A 43 -19.83 -12.50 -8.27
N ILE A 44 -19.34 -11.46 -7.59
CA ILE A 44 -18.16 -11.57 -6.73
C ILE A 44 -18.52 -11.12 -5.31
N ASN A 45 -18.43 -12.04 -4.36
CA ASN A 45 -18.77 -11.75 -2.97
C ASN A 45 -17.62 -12.09 -2.02
N ALA A 46 -17.40 -11.20 -1.05
CA ALA A 46 -16.39 -11.41 -0.02
C ALA A 46 -17.08 -11.80 1.29
N ILE A 47 -16.68 -12.94 1.83
CA ILE A 47 -17.30 -13.49 3.03
C ILE A 47 -16.30 -13.51 4.19
N PRO A 48 -16.44 -12.56 5.14
CA PRO A 48 -15.56 -12.50 6.30
C PRO A 48 -15.85 -13.57 7.36
N LEU A 49 -14.80 -14.21 7.83
CA LEU A 49 -14.88 -15.25 8.85
C LEU A 49 -13.86 -14.96 9.94
N SER A 50 -14.24 -15.23 11.19
CA SER A 50 -13.34 -15.06 12.33
C SER A 50 -13.57 -16.08 13.44
N TYR A 51 -12.55 -16.26 14.28
CA TYR A 51 -12.58 -17.21 15.39
C TYR A 51 -11.80 -16.69 16.60
N ARG A 52 -12.45 -16.72 17.77
CA ARG A 52 -11.82 -16.27 19.03
CA ARG A 52 -11.80 -16.27 19.00
C ARG A 52 -11.16 -17.45 19.72
N LEU A 53 -9.93 -17.26 20.20
CA LEU A 53 -9.26 -18.31 20.96
C LEU A 53 -9.17 -17.92 22.43
N PRO A 54 -9.50 -18.86 23.34
CA PRO A 54 -9.47 -18.57 24.78
C PRO A 54 -8.04 -18.56 25.34
N THR A 58 -2.78 -18.36 23.90
CA THR A 58 -2.22 -17.35 23.01
C THR A 58 -0.75 -17.62 22.66
N VAL A 59 -0.38 -17.32 21.41
CA VAL A 59 1.00 -17.45 20.94
C VAL A 59 1.53 -16.06 20.59
N THR A 60 2.59 -15.65 21.28
CA THR A 60 3.20 -14.33 21.07
C THR A 60 4.31 -14.39 20.04
N MET A 61 4.22 -13.52 19.04
CA MET A 61 5.25 -13.36 18.02
C MET A 61 5.81 -11.93 18.05
N GLY A 62 6.60 -11.57 17.03
CA GLY A 62 7.22 -10.25 16.96
C GLY A 62 6.29 -9.08 16.70
N VAL A 63 5.10 -9.39 16.16
CA VAL A 63 4.10 -8.37 15.87
C VAL A 63 3.20 -8.09 17.07
N GLY A 64 2.98 -9.11 17.90
CA GLY A 64 2.16 -8.98 19.10
C GLY A 64 1.66 -10.31 19.63
N SER A 65 0.48 -10.28 20.27
CA SER A 65 -0.14 -11.48 20.80
C SER A 65 -1.48 -11.75 20.11
N THR A 66 -1.66 -12.99 19.66
CA THR A 66 -2.86 -13.37 18.91
C THR A 66 -4.02 -13.71 19.85
N ILE A 67 -5.17 -13.09 19.59
CA ILE A 67 -6.40 -13.31 20.38
C ILE A 67 -7.58 -13.76 19.50
N LYS A 68 -7.48 -13.47 18.20
CA LYS A 68 -8.55 -13.74 17.24
C LYS A 68 -7.97 -13.85 15.83
N ARG A 69 -8.31 -14.93 15.13
CA ARG A 69 -7.88 -15.13 13.75
C ARG A 69 -8.99 -14.75 12.79
N ASP A 70 -8.64 -14.01 11.73
CA ASP A 70 -9.62 -13.59 10.72
C ASP A 70 -9.26 -14.11 9.34
N ALA A 71 -10.28 -14.36 8.52
CA ALA A 71 -10.10 -14.80 7.14
C ALA A 71 -11.22 -14.29 6.24
N ILE A 72 -10.90 -14.02 4.98
CA ILE A 72 -11.90 -13.54 4.01
C ILE A 72 -11.96 -14.48 2.83
N ILE A 73 -13.13 -15.06 2.60
CA ILE A 73 -13.33 -16.04 1.55
C ILE A 73 -14.11 -15.44 0.39
N ILE A 74 -13.57 -15.58 -0.82
CA ILE A 74 -14.14 -14.96 -2.00
C ILE A 74 -14.84 -15.96 -2.93
N ARG A 75 -16.12 -15.72 -3.19
CA ARG A 75 -16.94 -16.54 -4.06
C ARG A 75 -17.11 -15.85 -5.40
N VAL A 76 -16.64 -16.49 -6.47
CA VAL A 76 -16.86 -15.95 -7.83
C VAL A 76 -17.78 -16.87 -8.63
N GLU A 77 -18.97 -16.36 -8.94
CA GLU A 77 -19.97 -17.10 -9.73
C GLU A 77 -19.82 -16.78 -11.21
N THR A 78 -20.10 -17.77 -12.05
CA THR A 78 -20.05 -17.58 -13.51
C THR A 78 -21.40 -17.76 -14.18
N SER A 79 -21.50 -17.36 -15.44
CA SER A 79 -22.72 -17.47 -16.22
C SER A 79 -23.00 -18.90 -16.69
N GLU A 80 -22.05 -19.81 -16.48
CA GLU A 80 -22.23 -21.21 -16.82
C GLU A 80 -22.28 -22.13 -15.60
N GLY A 81 -22.53 -21.54 -14.43
CA GLY A 81 -22.79 -22.31 -13.21
C GLY A 81 -21.58 -22.74 -12.40
N ILE A 82 -20.38 -22.54 -12.95
CA ILE A 82 -19.13 -22.94 -12.28
C ILE A 82 -18.73 -21.86 -11.26
N THR A 83 -18.45 -22.28 -10.04
CA THR A 83 -18.18 -21.34 -8.95
C THR A 83 -16.78 -21.51 -8.36
N GLY A 84 -16.03 -20.41 -8.32
CA GLY A 84 -14.67 -20.42 -7.80
C GLY A 84 -14.56 -19.85 -6.40
N TYR A 85 -13.55 -20.32 -5.67
CA TYR A 85 -13.32 -19.89 -4.31
C TYR A 85 -11.87 -19.47 -4.08
N GLY A 86 -11.69 -18.40 -3.31
CA GLY A 86 -10.36 -17.88 -3.01
C GLY A 86 -10.26 -17.36 -1.58
N GLU A 87 -9.03 -17.06 -1.15
CA GLU A 87 -8.81 -16.40 0.13
C GLU A 87 -8.07 -15.07 -0.06
N ALA A 88 -8.66 -14.01 0.48
CA ALA A 88 -8.01 -12.70 0.54
C ALA A 88 -7.59 -12.45 1.97
N HIS A 89 -6.39 -11.91 2.15
CA HIS A 89 -5.88 -11.59 3.49
C HIS A 89 -6.62 -10.36 4.06
N PRO A 90 -7.05 -10.44 5.35
CA PRO A 90 -7.85 -9.37 5.96
C PRO A 90 -7.09 -8.06 6.24
N GLY A 91 -5.77 -8.13 6.33
CA GLY A 91 -4.93 -6.95 6.53
C GLY A 91 -5.17 -6.20 7.83
N ARG A 92 -5.47 -6.97 8.89
CA ARG A 92 -5.81 -6.46 10.24
C ARG A 92 -7.09 -5.60 10.29
N SER A 93 -7.79 -5.51 9.17
CA SER A 93 -9.07 -4.80 9.09
C SER A 93 -9.92 -5.45 7.99
N PRO A 94 -10.58 -6.58 8.32
CA PRO A 94 -11.33 -7.37 7.33
C PRO A 94 -12.54 -6.65 6.74
N GLY A 95 -13.11 -5.70 7.48
CA GLY A 95 -14.24 -4.91 7.03
C GLY A 95 -13.88 -3.98 5.89
N ALA A 96 -12.64 -3.51 5.89
CA ALA A 96 -12.12 -2.61 4.85
C ALA A 96 -11.91 -3.29 3.50
N ILE A 97 -11.33 -4.50 3.52
CA ILE A 97 -11.08 -5.26 2.28
C ILE A 97 -12.40 -5.74 1.66
N THR A 98 -13.31 -6.19 2.51
CA THR A 98 -14.69 -6.55 2.14
C THR A 98 -15.40 -5.37 1.44
N SER A 99 -15.32 -4.19 2.06
CA SER A 99 -15.88 -2.95 1.51
C SER A 99 -15.24 -2.59 0.17
N LEU A 100 -13.93 -2.76 0.06
CA LEU A 100 -13.18 -2.46 -1.16
C LEU A 100 -13.57 -3.38 -2.32
N ILE A 101 -13.78 -4.67 -2.01
CA ILE A 101 -14.22 -5.64 -3.00
C ILE A 101 -15.63 -5.32 -3.49
N HIS A 102 -16.58 -5.18 -2.57
CA HIS A 102 -17.99 -5.01 -2.92
C HIS A 102 -18.32 -3.68 -3.63
N ASN A 103 -17.69 -2.60 -3.19
CA ASN A 103 -17.99 -1.28 -3.74
C ASN A 103 -17.19 -0.90 -4.98
N THR A 104 -15.97 -1.42 -5.10
CA THR A 104 -15.03 -0.95 -6.13
C THR A 104 -14.48 -2.03 -7.07
N ILE A 105 -13.90 -3.09 -6.50
CA ILE A 105 -13.18 -4.09 -7.30
C ILE A 105 -14.11 -5.06 -8.04
N ALA A 106 -15.21 -5.46 -7.40
CA ALA A 106 -16.22 -6.27 -8.10
C ALA A 106 -16.93 -5.55 -9.27
N PRO A 107 -17.48 -4.32 -9.07
CA PRO A 107 -18.07 -3.59 -10.20
C PRO A 107 -17.20 -3.41 -11.46
N MET A 108 -15.89 -3.36 -11.29
CA MET A 108 -14.98 -3.24 -12.44
C MET A 108 -14.64 -4.60 -13.09
N LEU A 109 -15.10 -5.69 -12.48
CA LEU A 109 -14.83 -7.04 -12.99
C LEU A 109 -16.06 -7.84 -13.47
N ILE A 110 -17.26 -7.37 -13.14
CA ILE A 110 -18.50 -8.00 -13.63
C ILE A 110 -18.60 -7.84 -15.14
N GLY A 111 -18.81 -8.95 -15.85
CA GLY A 111 -18.97 -8.90 -17.30
C GLY A 111 -17.74 -9.34 -18.06
N MET A 112 -16.62 -9.43 -17.35
CA MET A 112 -15.38 -9.95 -17.92
C MET A 112 -15.50 -11.46 -18.13
N LYS A 113 -14.78 -11.97 -19.13
CA LYS A 113 -14.66 -13.40 -19.36
C LYS A 113 -13.83 -13.99 -18.22
N ALA A 114 -14.37 -15.02 -17.58
CA ALA A 114 -13.83 -15.55 -16.30
C ALA A 114 -12.50 -16.28 -16.39
N THR A 115 -12.03 -16.55 -17.61
CA THR A 115 -10.73 -17.15 -17.82
C THR A 115 -9.63 -16.10 -18.00
N ASP A 116 -10.05 -14.86 -18.29
CA ASP A 116 -9.13 -13.74 -18.48
C ASP A 116 -8.70 -13.14 -17.12
N CYS A 117 -7.81 -13.84 -16.43
CA CYS A 117 -7.31 -13.37 -15.13
C CYS A 117 -6.19 -12.35 -15.28
N VAL A 118 -5.46 -12.42 -16.41
CA VAL A 118 -4.42 -11.45 -16.75
C VAL A 118 -5.05 -10.07 -16.98
N GLY A 119 -6.15 -10.06 -17.74
CA GLY A 119 -6.93 -8.85 -17.98
C GLY A 119 -7.67 -8.35 -16.75
N ALA A 120 -8.09 -9.27 -15.89
CA ALA A 120 -8.74 -8.92 -14.62
C ALA A 120 -7.74 -8.26 -13.67
N TRP A 121 -6.51 -8.77 -13.66
CA TRP A 121 -5.44 -8.20 -12.85
C TRP A 121 -5.04 -6.82 -13.36
N GLN A 122 -5.07 -6.65 -14.68
CA GLN A 122 -4.74 -5.38 -15.34
C GLN A 122 -5.69 -4.22 -15.03
N ARG A 123 -6.99 -4.50 -14.95
CA ARG A 123 -7.98 -3.49 -14.60
C ARG A 123 -7.75 -3.00 -13.17
N VAL A 124 -7.45 -3.94 -12.28
CA VAL A 124 -7.13 -3.62 -10.88
C VAL A 124 -5.79 -2.89 -10.80
N HIS A 125 -4.85 -3.26 -11.67
CA HIS A 125 -3.56 -2.59 -11.73
C HIS A 125 -3.69 -1.12 -12.12
N ARG A 126 -4.47 -0.83 -13.15
CA ARG A 126 -4.60 0.56 -13.62
C ARG A 126 -5.58 1.40 -12.80
N MET A 127 -6.58 0.76 -12.18
CA MET A 127 -7.58 1.48 -11.39
C MET A 127 -7.23 1.65 -9.91
N GLN A 128 -6.43 0.73 -9.37
CA GLN A 128 -6.15 0.71 -7.95
C GLN A 128 -4.67 0.74 -7.57
N LEU A 129 -3.86 -0.03 -8.29
CA LEU A 129 -2.47 -0.23 -7.89
C LEU A 129 -1.51 0.84 -8.38
N SER A 130 -1.77 1.39 -9.56
CA SER A 130 -0.85 2.32 -10.20
C SER A 130 -0.95 3.77 -9.72
N SER A 131 -2.18 4.24 -9.49
CA SER A 131 -2.41 5.66 -9.19
C SER A 131 -2.94 5.93 -7.79
N HIS A 132 -4.16 6.49 -7.73
CA HIS A 132 -4.71 7.10 -6.51
C HIS A 132 -5.47 6.13 -5.59
N GLY A 133 -5.17 4.84 -5.70
CA GLY A 133 -5.92 3.82 -4.97
C GLY A 133 -5.47 3.57 -3.54
N LEU A 134 -5.78 2.36 -3.07
CA LEU A 134 -5.49 1.94 -1.70
C LEU A 134 -4.14 1.24 -1.57
N GLY A 135 -3.44 1.08 -2.70
CA GLY A 135 -2.13 0.45 -2.74
C GLY A 135 -2.11 -1.01 -2.32
N ALA A 136 -1.55 -1.26 -1.15
CA ALA A 136 -1.34 -2.62 -0.64
C ALA A 136 -2.63 -3.39 -0.38
N GLY A 137 -3.67 -2.68 0.03
CA GLY A 137 -4.97 -3.27 0.34
C GLY A 137 -5.69 -3.82 -0.88
N ALA A 138 -5.49 -3.17 -2.02
CA ALA A 138 -6.07 -3.60 -3.29
C ALA A 138 -5.46 -4.91 -3.79
N ALA A 139 -4.17 -5.09 -3.48
CA ALA A 139 -3.43 -6.30 -3.83
C ALA A 139 -3.93 -7.52 -3.07
N LEU A 140 -4.33 -7.32 -1.81
CA LEU A 140 -4.93 -8.38 -0.99
C LEU A 140 -6.28 -8.77 -1.57
N ALA A 141 -7.03 -7.77 -2.02
CA ALA A 141 -8.37 -7.95 -2.57
C ALA A 141 -8.38 -8.69 -3.91
N ILE A 142 -7.42 -8.37 -4.78
CA ILE A 142 -7.33 -9.06 -6.07
C ILE A 142 -6.77 -10.49 -5.91
N SER A 143 -5.96 -10.69 -4.87
CA SER A 143 -5.35 -11.99 -4.58
C SER A 143 -6.36 -13.12 -4.43
N GLY A 144 -7.44 -12.86 -3.70
CA GLY A 144 -8.50 -13.83 -3.48
C GLY A 144 -9.37 -14.04 -4.70
N ILE A 145 -9.69 -12.94 -5.39
CA ILE A 145 -10.48 -12.99 -6.63
C ILE A 145 -9.72 -13.76 -7.71
N ASP A 146 -8.44 -13.44 -7.88
CA ASP A 146 -7.55 -14.13 -8.83
C ASP A 146 -7.45 -15.62 -8.52
N MET A 147 -7.35 -15.95 -7.24
CA MET A 147 -7.29 -17.34 -6.77
C MET A 147 -8.59 -18.08 -7.09
N ALA A 148 -9.72 -17.38 -6.96
CA ALA A 148 -11.03 -17.93 -7.30
C ALA A 148 -11.21 -18.05 -8.81
N LEU A 149 -10.55 -17.18 -9.57
CA LEU A 149 -10.57 -17.24 -11.03
C LEU A 149 -9.84 -18.47 -11.55
N TRP A 150 -8.69 -18.77 -10.95
CA TRP A 150 -7.92 -19.97 -11.30
C TRP A 150 -8.62 -21.25 -10.87
N ASP A 151 -9.45 -21.16 -9.83
CA ASP A 151 -10.30 -22.27 -9.38
C ASP A 151 -11.35 -22.61 -10.43
N ILE A 152 -11.98 -21.58 -10.99
CA ILE A 152 -12.94 -21.71 -12.10
C ILE A 152 -12.26 -22.32 -13.32
N ARG A 153 -11.07 -21.82 -13.63
CA ARG A 153 -10.34 -22.19 -14.83
C ARG A 153 -9.87 -23.64 -14.83
N GLY A 154 -9.51 -24.15 -13.66
CA GLY A 154 -9.14 -25.55 -13.52
C GLY A 154 -10.33 -26.49 -13.68
N LYS A 155 -11.47 -26.08 -13.13
CA LYS A 155 -12.72 -26.84 -13.24
C LYS A 155 -13.24 -26.86 -14.67
N ALA A 156 -13.14 -25.73 -15.36
CA ALA A 156 -13.56 -25.60 -16.75
C ALA A 156 -12.64 -26.35 -17.73
N ALA A 157 -11.37 -26.50 -17.34
CA ALA A 157 -10.40 -27.22 -18.16
C ALA A 157 -10.37 -28.71 -17.82
N ASN A 158 -11.06 -29.07 -16.74
CA ASN A 158 -10.98 -30.40 -16.11
C ASN A 158 -9.53 -30.82 -15.81
N MET A 159 -8.82 -29.92 -15.16
CA MET A 159 -7.44 -30.16 -14.73
C MET A 159 -7.28 -29.65 -13.30
N PRO A 160 -6.51 -30.38 -12.48
CA PRO A 160 -6.07 -29.79 -11.21
C PRO A 160 -5.11 -28.63 -11.47
N LEU A 161 -4.96 -27.72 -10.51
CA LEU A 161 -4.20 -26.48 -10.75
C LEU A 161 -2.73 -26.69 -11.11
N TYR A 162 -2.10 -27.70 -10.52
CA TYR A 162 -0.71 -28.04 -10.88
C TYR A 162 -0.57 -28.41 -12.35
N GLU A 163 -1.58 -29.11 -12.88
CA GLU A 163 -1.63 -29.51 -14.28
C GLU A 163 -1.92 -28.31 -15.17
N LEU A 164 -2.77 -27.41 -14.67
CA LEU A 164 -3.13 -26.18 -15.37
C LEU A 164 -1.91 -25.25 -15.50
N LEU A 165 -1.07 -25.24 -14.48
CA LEU A 165 0.12 -24.40 -14.46
C LEU A 165 1.32 -25.03 -15.20
N GLY A 166 1.18 -26.30 -15.55
CA GLY A 166 2.19 -27.00 -16.36
C GLY A 166 3.08 -27.97 -15.62
N GLY A 167 2.78 -28.22 -14.35
CA GLY A 167 3.58 -29.12 -13.52
C GLY A 167 3.02 -30.53 -13.43
N SER A 168 3.54 -31.29 -12.48
CA SER A 168 3.05 -32.63 -12.17
C SER A 168 2.94 -32.81 -10.67
N LYS A 169 2.16 -33.80 -10.25
CA LYS A 169 1.97 -34.11 -8.83
C LYS A 169 3.27 -34.64 -8.26
N ARG A 170 3.91 -33.84 -7.42
CA ARG A 170 5.20 -34.21 -6.83
C ARG A 170 5.25 -33.88 -5.34
N ARG A 171 6.17 -34.51 -4.64
CA ARG A 171 6.35 -34.31 -3.21
C ARG A 171 7.11 -33.01 -2.95
N ILE A 172 6.49 -32.12 -2.18
CA ILE A 172 7.05 -30.81 -1.85
C ILE A 172 7.43 -30.76 -0.38
N PRO A 173 8.72 -30.46 -0.08
CA PRO A 173 9.21 -30.34 1.30
C PRO A 173 8.45 -29.26 2.08
N ALA A 174 8.24 -29.51 3.37
CA ALA A 174 7.46 -28.61 4.22
C ALA A 174 8.17 -28.31 5.53
N TYR A 175 7.91 -27.13 6.09
CA TYR A 175 8.38 -26.82 7.44
C TYR A 175 7.23 -26.49 8.39
N ALA A 176 7.44 -26.80 9.67
CA ALA A 176 6.48 -26.52 10.71
C ALA A 176 6.51 -25.03 11.06
N GLY A 177 5.41 -24.34 10.73
CA GLY A 177 5.31 -22.90 10.94
C GLY A 177 3.93 -22.47 11.39
N GLY A 178 3.43 -21.37 10.81
CA GLY A 178 2.15 -20.79 11.21
C GLY A 178 2.27 -20.10 12.55
N ILE A 179 1.16 -20.04 13.30
CA ILE A 179 1.16 -19.44 14.63
C ILE A 179 1.62 -20.47 15.68
N ALA A 180 2.83 -20.99 15.48
CA ALA A 180 3.40 -22.02 16.33
C ALA A 180 4.86 -21.72 16.64
N LEU A 181 5.42 -22.46 17.59
CA LEU A 181 6.80 -22.30 18.09
C LEU A 181 7.14 -20.89 18.56
N GLY A 182 6.18 -20.25 19.25
CA GLY A 182 6.33 -18.87 19.71
C GLY A 182 7.25 -18.68 20.91
N TYR A 183 7.15 -17.53 21.56
CA TYR A 183 8.01 -17.21 22.70
C TYR A 183 7.61 -17.98 23.96
N GLN A 184 8.57 -18.74 24.48
CA GLN A 184 8.39 -19.63 25.62
C GLN A 184 9.78 -20.05 26.10
N PRO A 185 9.91 -20.63 27.32
CA PRO A 185 11.18 -21.23 27.75
C PRO A 185 11.81 -22.19 26.73
N LYS A 186 13.14 -22.19 26.66
CA LYS A 186 13.91 -22.93 25.66
C LYS A 186 13.71 -24.45 25.65
N GLU A 187 13.48 -25.04 26.82
CA GLU A 187 13.24 -26.48 26.95
C GLU A 187 11.83 -26.86 26.54
N SER A 188 10.88 -25.95 26.77
CA SER A 188 9.49 -26.12 26.35
C SER A 188 9.36 -25.96 24.83
N LEU A 189 10.17 -25.05 24.29
CA LEU A 189 10.25 -24.79 22.85
C LEU A 189 10.88 -25.98 22.13
N ALA A 190 11.84 -26.62 22.80
CA ALA A 190 12.51 -27.80 22.28
C ALA A 190 11.61 -29.04 22.26
N GLU A 191 10.72 -29.13 23.25
CA GLU A 191 9.74 -30.22 23.33
C GLU A 191 8.71 -30.13 22.21
N GLU A 192 8.33 -28.89 21.87
CA GLU A 192 7.42 -28.63 20.74
C GLU A 192 8.12 -28.96 19.42
N ALA A 193 9.41 -28.63 19.33
CA ALA A 193 10.24 -28.92 18.16
C ALA A 193 10.39 -30.42 17.89
N GLN A 194 10.64 -31.19 18.95
CA GLN A 194 10.81 -32.65 18.86
C GLN A 194 9.55 -33.39 18.40
N GLU A 195 8.39 -32.81 18.73
CA GLU A 195 7.10 -33.37 18.36
C GLU A 195 6.83 -33.28 16.85
N TYR A 196 7.37 -32.25 16.21
CA TYR A 196 7.20 -32.07 14.77
C TYR A 196 8.11 -32.98 13.95
N ILE A 197 9.29 -33.28 14.47
CA ILE A 197 10.22 -34.21 13.82
C ILE A 197 9.64 -35.63 13.87
N ALA A 198 9.03 -35.96 15.01
CA ALA A 198 8.35 -37.24 15.21
C ALA A 198 7.15 -37.42 14.28
N ARG A 199 6.48 -36.33 13.93
CA ARG A 199 5.39 -36.36 12.95
C ARG A 199 5.89 -36.51 11.51
N GLY A 200 7.17 -36.16 11.28
CA GLY A 200 7.78 -36.33 9.97
C GLY A 200 8.62 -35.18 9.43
N TYR A 201 8.44 -33.98 9.97
CA TYR A 201 9.11 -32.77 9.47
C TYR A 201 10.63 -32.84 9.55
N LYS A 202 11.28 -32.39 8.48
CA LYS A 202 12.74 -32.26 8.45
C LYS A 202 13.16 -30.81 8.66
N ALA A 203 12.19 -29.91 8.76
CA ALA A 203 12.44 -28.49 8.96
C ALA A 203 11.37 -27.81 9.80
N LEU A 204 11.76 -26.76 10.53
CA LEU A 204 10.83 -25.99 11.36
C LEU A 204 11.25 -24.51 11.46
N LYS A 205 10.30 -23.65 11.80
CA LYS A 205 10.57 -22.22 11.92
C LYS A 205 10.38 -21.69 13.33
N LEU A 206 11.47 -21.23 13.92
CA LEU A 206 11.49 -20.70 15.28
C LEU A 206 11.15 -19.22 15.28
N ARG A 207 10.27 -18.81 16.19
CA ARG A 207 9.92 -17.41 16.36
C ARG A 207 10.91 -16.71 17.26
N ILE A 208 11.64 -15.75 16.70
CA ILE A 208 12.57 -14.92 17.44
C ILE A 208 12.10 -13.46 17.35
N GLY A 209 12.78 -12.55 18.04
CA GLY A 209 12.51 -11.12 17.87
C GLY A 209 12.08 -10.31 19.08
N ASP A 210 11.82 -10.96 20.21
CA ASP A 210 11.44 -10.24 21.42
C ASP A 210 12.62 -9.58 22.12
N ALA A 211 13.65 -10.36 22.40
CA ALA A 211 14.87 -9.87 23.01
C ALA A 211 16.06 -10.69 22.51
N ALA A 212 17.14 -9.99 22.18
CA ALA A 212 18.32 -10.59 21.54
C ALA A 212 18.95 -11.71 22.35
N ARG A 213 19.05 -11.51 23.66
CA ARG A 213 19.67 -12.49 24.55
CA ARG A 213 19.67 -12.50 24.55
C ARG A 213 18.84 -13.78 24.65
N VAL A 214 17.54 -13.61 24.92
CA VAL A 214 16.64 -14.75 25.14
C VAL A 214 16.39 -15.61 23.90
N ASP A 215 16.54 -15.05 22.71
CA ASP A 215 16.34 -15.86 21.50
C ASP A 215 17.62 -16.40 20.86
N ILE A 216 18.77 -15.89 21.30
CA ILE A 216 20.07 -16.54 21.06
C ILE A 216 20.09 -17.82 21.90
N GLU A 217 19.62 -17.70 23.13
CA GLU A 217 19.54 -18.79 24.11
C GLU A 217 18.61 -19.90 23.63
N ARG A 218 17.47 -19.52 23.05
CA ARG A 218 16.49 -20.46 22.50
C ARG A 218 17.01 -21.18 21.27
N VAL A 219 17.61 -20.43 20.36
CA VAL A 219 18.07 -20.94 19.07
C VAL A 219 19.24 -21.94 19.20
N ARG A 220 20.16 -21.67 20.13
CA ARG A 220 21.29 -22.56 20.42
C ARG A 220 20.86 -23.86 21.05
N HIS A 221 19.84 -23.78 21.91
CA HIS A 221 19.33 -24.93 22.63
C HIS A 221 18.66 -25.95 21.70
N VAL A 222 17.93 -25.45 20.71
CA VAL A 222 17.22 -26.30 19.74
C VAL A 222 18.19 -27.05 18.81
N ARG A 223 19.28 -26.40 18.42
CA ARG A 223 20.33 -27.05 17.63
C ARG A 223 21.00 -28.23 18.33
N LYS A 224 21.19 -28.09 19.64
CA LYS A 224 21.83 -29.13 20.43
C LYS A 224 20.92 -30.33 20.66
N VAL A 225 19.61 -30.07 20.79
CA VAL A 225 18.65 -31.13 21.09
C VAL A 225 18.02 -31.78 19.83
N LEU A 226 18.16 -31.15 18.66
CA LEU A 226 17.68 -31.74 17.42
C LEU A 226 18.81 -32.27 16.53
N GLY A 227 20.04 -31.85 16.85
CA GLY A 227 21.20 -32.20 16.03
C GLY A 227 21.30 -31.29 14.82
N ASP A 228 22.29 -31.54 13.97
CA ASP A 228 22.51 -30.69 12.79
C ASP A 228 21.88 -31.24 11.50
N GLU A 229 20.86 -32.09 11.66
CA GLU A 229 20.19 -32.68 10.50
C GLU A 229 18.90 -31.93 10.14
N VAL A 230 18.37 -31.18 11.10
CA VAL A 230 17.13 -30.43 10.90
C VAL A 230 17.45 -29.03 10.39
N ASP A 231 16.79 -28.62 9.31
CA ASP A 231 16.88 -27.25 8.83
C ASP A 231 16.10 -26.32 9.76
N ILE A 232 16.83 -25.56 10.58
CA ILE A 232 16.21 -24.62 11.51
C ILE A 232 16.11 -23.23 10.86
N LEU A 233 14.87 -22.82 10.60
CA LEU A 233 14.60 -21.52 10.01
C LEU A 233 14.15 -20.58 11.11
N THR A 234 14.42 -19.29 10.94
CA THR A 234 14.05 -18.30 11.96
C THR A 234 13.21 -17.18 11.36
N ASP A 235 12.28 -16.67 12.18
CA ASP A 235 11.44 -15.54 11.79
C ASP A 235 11.41 -14.51 12.92
N ALA A 236 11.74 -13.26 12.57
CA ALA A 236 11.78 -12.18 13.55
C ALA A 236 10.53 -11.31 13.54
N ASN A 237 9.67 -11.53 12.55
CA ASN A 237 8.39 -10.83 12.42
C ASN A 237 8.48 -9.30 12.53
N THR A 238 9.42 -8.72 11.80
CA THR A 238 9.67 -7.27 11.72
C THR A 238 9.97 -6.56 13.06
N ALA A 239 10.63 -7.27 13.98
CA ALA A 239 10.80 -6.77 15.36
C ALA A 239 12.24 -6.43 15.76
N TYR A 240 13.20 -6.73 14.88
CA TYR A 240 14.60 -6.42 15.17
C TYR A 240 14.98 -4.98 14.83
N THR A 241 15.99 -4.49 15.52
CA THR A 241 16.73 -3.31 15.11
C THR A 241 18.03 -3.81 14.49
N MET A 242 18.89 -2.90 14.06
CA MET A 242 20.17 -3.28 13.48
C MET A 242 21.14 -3.72 14.57
N ALA A 243 21.06 -3.08 15.73
CA ALA A 243 21.88 -3.41 16.91
C ALA A 243 21.63 -4.83 17.41
N ASP A 244 20.38 -5.28 17.31
CA ASP A 244 19.99 -6.65 17.63
C ASP A 244 20.56 -7.62 16.60
N ALA A 245 20.52 -7.21 15.33
CA ALA A 245 20.90 -8.06 14.21
C ALA A 245 22.36 -8.46 14.21
N ARG A 246 23.25 -7.50 14.50
CA ARG A 246 24.69 -7.77 14.54
C ARG A 246 25.12 -8.52 15.82
N ARG A 247 24.15 -8.82 16.67
CA ARG A 247 24.37 -9.64 17.85
C ARG A 247 23.79 -11.04 17.63
N VAL A 248 22.73 -11.12 16.83
CA VAL A 248 21.98 -12.36 16.59
C VAL A 248 22.47 -13.15 15.36
N LEU A 249 22.67 -12.45 14.25
CA LEU A 249 23.19 -13.07 13.00
C LEU A 249 24.41 -13.99 13.14
N PRO A 250 25.47 -13.57 13.89
CA PRO A 250 26.61 -14.49 14.06
C PRO A 250 26.28 -15.83 14.71
N VAL A 251 25.33 -15.84 15.66
CA VAL A 251 24.91 -17.09 16.30
C VAL A 251 24.02 -17.91 15.38
N LEU A 252 23.29 -17.24 14.48
CA LEU A 252 22.49 -17.90 13.45
C LEU A 252 23.39 -18.57 12.42
N ALA A 253 24.56 -17.97 12.17
CA ALA A 253 25.59 -18.58 11.34
C ALA A 253 26.20 -19.77 12.06
N GLU A 254 26.46 -19.59 13.36
CA GLU A 254 27.05 -20.61 14.23
C GLU A 254 26.18 -21.88 14.28
N ILE A 255 24.86 -21.68 14.38
CA ILE A 255 23.92 -22.79 14.39
C ILE A 255 23.49 -23.23 12.98
N GLN A 256 24.02 -22.55 11.96
CA GLN A 256 23.71 -22.80 10.54
C GLN A 256 22.21 -22.76 10.23
N ALA A 257 21.60 -21.62 10.54
CA ALA A 257 20.18 -21.39 10.29
C ALA A 257 19.90 -21.29 8.79
N GLY A 258 18.73 -21.75 8.38
CA GLY A 258 18.35 -21.78 6.97
C GLY A 258 18.16 -20.40 6.38
N TRP A 259 17.48 -19.54 7.12
CA TRP A 259 17.32 -18.11 6.78
C TRP A 259 16.90 -17.28 7.99
N LEU A 260 17.11 -15.96 7.89
CA LEU A 260 16.49 -15.02 8.81
C LEU A 260 15.35 -14.31 8.09
N GLU A 261 14.13 -14.65 8.48
CA GLU A 261 12.93 -14.11 7.86
C GLU A 261 12.47 -12.84 8.55
N GLU A 262 12.12 -11.84 7.73
CA GLU A 262 11.57 -10.54 8.15
C GLU A 262 12.16 -9.97 9.44
N PRO A 263 13.44 -9.54 9.41
CA PRO A 263 13.96 -8.90 10.62
C PRO A 263 13.43 -7.48 10.82
N PHE A 264 13.07 -6.80 9.73
CA PHE A 264 12.62 -5.41 9.78
C PHE A 264 11.32 -5.21 9.02
N ALA A 265 10.70 -4.05 9.26
CA ALA A 265 9.50 -3.61 8.54
C ALA A 265 9.65 -3.69 7.03
N CYS A 266 8.54 -3.92 6.34
CA CYS A 266 8.53 -4.16 4.90
C CYS A 266 9.13 -3.05 4.06
N ASN A 267 8.97 -1.81 4.51
CA ASN A 267 9.48 -0.65 3.80
C ASN A 267 10.83 -0.13 4.33
N ASP A 268 11.39 -0.83 5.31
CA ASP A 268 12.68 -0.46 5.91
C ASP A 268 13.83 -0.91 5.01
N PHE A 269 13.98 -0.21 3.89
CA PHE A 269 14.96 -0.51 2.84
C PHE A 269 16.42 -0.45 3.32
N ALA A 270 16.71 0.54 4.17
CA ALA A 270 18.08 0.86 4.56
C ALA A 270 18.67 -0.18 5.49
N SER A 271 17.81 -0.75 6.34
CA SER A 271 18.23 -1.80 7.24
C SER A 271 18.46 -3.11 6.49
N TYR A 272 17.59 -3.42 5.55
CA TYR A 272 17.72 -4.65 4.76
C TYR A 272 19.03 -4.73 3.99
N ARG A 273 19.50 -3.59 3.49
CA ARG A 273 20.79 -3.58 2.79
CA ARG A 273 20.80 -3.48 2.80
C ARG A 273 21.98 -3.67 3.76
N GLU A 274 21.79 -3.23 5.00
CA GLU A 274 22.86 -3.29 6.01
C GLU A 274 23.11 -4.69 6.59
N VAL A 275 22.05 -5.51 6.74
CA VAL A 275 22.20 -6.85 7.32
C VAL A 275 22.87 -7.87 6.42
N ALA A 276 22.82 -7.62 5.12
CA ALA A 276 23.51 -8.47 4.14
C ALA A 276 25.04 -8.38 4.31
N LYS A 277 25.50 -7.27 4.88
CA LYS A 277 26.92 -7.05 5.15
C LYS A 277 27.45 -7.83 6.35
N ILE A 278 26.55 -8.30 7.22
CA ILE A 278 26.95 -8.97 8.46
C ILE A 278 27.51 -10.38 8.23
N THR A 279 26.72 -11.26 7.62
CA THR A 279 27.17 -12.61 7.30
C THR A 279 26.57 -13.15 6.00
N PRO A 280 27.42 -13.76 5.14
CA PRO A 280 26.93 -14.42 3.94
C PRO A 280 26.47 -15.86 4.18
N LEU A 281 26.61 -16.35 5.41
CA LEU A 281 26.35 -17.77 5.73
C LEU A 281 24.90 -18.07 6.05
N VAL A 282 24.12 -17.03 6.32
CA VAL A 282 22.68 -17.18 6.49
C VAL A 282 21.95 -16.06 5.74
N PRO A 283 21.14 -16.43 4.74
CA PRO A 283 20.47 -15.46 3.87
C PRO A 283 19.28 -14.78 4.55
N ILE A 284 18.89 -13.64 4.01
CA ILE A 284 17.73 -12.89 4.51
C ILE A 284 16.51 -13.31 3.70
N ALA A 285 15.38 -13.49 4.40
CA ALA A 285 14.14 -13.88 3.76
C ALA A 285 13.05 -12.84 3.99
N ALA A 286 12.28 -12.54 2.95
CA ALA A 286 11.18 -11.57 3.02
C ALA A 286 10.16 -11.84 1.93
N GLY A 287 8.92 -11.40 2.15
CA GLY A 287 7.88 -11.53 1.13
C GLY A 287 6.44 -11.44 1.60
N GLU A 288 6.18 -11.81 2.86
CA GLU A 288 4.81 -11.78 3.41
C GLU A 288 4.14 -10.43 3.20
N ASN A 289 4.88 -9.38 3.50
CA ASN A 289 4.35 -8.02 3.46
C ASN A 289 4.81 -7.27 2.21
N HIS A 290 4.96 -8.01 1.11
CA HIS A 290 5.37 -7.42 -0.16
C HIS A 290 4.40 -7.80 -1.26
N TYR A 291 4.00 -6.78 -2.02
CA TYR A 291 2.84 -6.86 -2.89
C TYR A 291 3.22 -6.45 -4.30
N THR A 292 2.76 -7.23 -5.28
CA THR A 292 3.09 -7.09 -6.71
C THR A 292 4.56 -7.39 -7.03
N ARG A 293 4.81 -7.70 -8.30
CA ARG A 293 6.15 -7.98 -8.80
C ARG A 293 7.06 -6.74 -8.84
N PHE A 294 6.46 -5.57 -8.69
CA PHE A 294 7.20 -4.31 -8.71
C PHE A 294 7.90 -4.01 -7.40
N GLU A 295 7.36 -4.56 -6.30
CA GLU A 295 8.03 -4.47 -5.01
C GLU A 295 9.09 -5.56 -4.86
N PHE A 296 8.80 -6.73 -5.42
CA PHE A 296 9.78 -7.81 -5.47
C PHE A 296 10.92 -7.49 -6.43
N GLY A 297 10.59 -6.76 -7.50
CA GLY A 297 11.58 -6.27 -8.46
C GLY A 297 12.56 -5.30 -7.83
N GLN A 298 12.03 -4.48 -6.92
CA GLN A 298 12.84 -3.53 -6.15
C GLN A 298 13.80 -4.19 -5.19
N MET A 299 13.42 -5.35 -4.63
CA MET A 299 14.34 -6.06 -3.75
C MET A 299 15.24 -7.04 -4.49
N LEU A 300 14.98 -7.22 -5.79
CA LEU A 300 15.88 -7.96 -6.66
C LEU A 300 17.16 -7.17 -6.92
N ASP A 301 17.01 -5.89 -7.30
CA ASP A 301 18.18 -5.07 -7.62
C ASP A 301 18.79 -4.35 -6.42
N ALA A 302 18.18 -4.52 -5.26
CA ALA A 302 18.85 -4.19 -4.01
C ALA A 302 19.84 -5.30 -3.68
N GLY A 303 19.51 -6.53 -4.09
CA GLY A 303 20.38 -7.70 -3.93
C GLY A 303 20.51 -8.25 -2.52
N ALA A 304 19.80 -7.63 -1.58
CA ALA A 304 19.93 -7.95 -0.17
C ALA A 304 19.18 -9.22 0.26
N VAL A 305 17.95 -9.35 -0.21
CA VAL A 305 17.10 -10.50 0.13
C VAL A 305 17.24 -11.59 -0.94
N GLN A 306 17.75 -12.75 -0.53
CA GLN A 306 18.03 -13.86 -1.44
C GLN A 306 17.08 -15.05 -1.29
N VAL A 307 16.07 -14.91 -0.42
CA VAL A 307 15.01 -15.91 -0.28
C VAL A 307 13.66 -15.17 -0.31
N TRP A 308 12.87 -15.43 -1.36
CA TRP A 308 11.61 -14.71 -1.55
C TRP A 308 10.42 -15.53 -1.07
N GLN A 309 9.56 -14.90 -0.28
CA GLN A 309 8.42 -15.59 0.33
C GLN A 309 7.05 -14.95 0.06
N PRO A 310 6.60 -14.94 -1.21
CA PRO A 310 5.31 -14.30 -1.45
C PRO A 310 4.14 -15.11 -0.88
N ASP A 311 3.10 -14.41 -0.45
CA ASP A 311 1.85 -15.02 -0.01
C ASP A 311 0.86 -14.82 -1.15
N LEU A 312 0.26 -15.92 -1.61
CA LEU A 312 -0.68 -15.88 -2.73
C LEU A 312 -2.00 -15.19 -2.37
N SER A 313 -2.27 -15.06 -1.08
CA SER A 313 -3.42 -14.30 -0.59
C SER A 313 -3.08 -12.82 -0.35
N LYS A 314 -1.84 -12.43 -0.65
CA LYS A 314 -1.36 -11.06 -0.44
C LYS A 314 -0.75 -10.39 -1.67
N CYS A 315 0.15 -11.10 -2.35
CA CYS A 315 1.03 -10.52 -3.37
C CYS A 315 0.36 -10.17 -4.70
N GLY A 316 -0.86 -10.65 -4.91
CA GLY A 316 -1.59 -10.39 -6.15
C GLY A 316 -2.27 -11.63 -6.71
N GLY A 317 -2.11 -12.75 -6.01
CA GLY A 317 -2.76 -14.00 -6.42
C GLY A 317 -1.82 -15.01 -7.01
N ILE A 318 -2.38 -15.97 -7.74
CA ILE A 318 -1.61 -17.00 -8.43
C ILE A 318 -0.92 -16.40 -9.66
N THR A 319 -1.66 -15.55 -10.40
CA THR A 319 -1.14 -14.83 -11.57
C THR A 319 0.14 -14.06 -11.25
N GLU A 320 0.10 -13.23 -10.22
CA GLU A 320 1.27 -12.46 -9.80
C GLU A 320 2.30 -13.34 -9.13
N GLY A 321 1.84 -14.40 -8.46
CA GLY A 321 2.70 -15.42 -7.88
C GLY A 321 3.65 -16.05 -8.90
N ILE A 322 3.11 -16.42 -10.06
CA ILE A 322 3.89 -16.96 -11.18
C ILE A 322 4.97 -15.96 -11.62
N ARG A 323 4.57 -14.71 -11.80
CA ARG A 323 5.44 -13.66 -12.31
C ARG A 323 6.58 -13.30 -11.35
N ILE A 324 6.27 -13.29 -10.05
CA ILE A 324 7.27 -13.07 -9.01
C ILE A 324 8.28 -14.22 -8.99
N ALA A 325 7.77 -15.46 -9.09
CA ALA A 325 8.59 -16.66 -9.08
C ALA A 325 9.46 -16.82 -10.32
N ALA A 326 8.97 -16.37 -11.48
CA ALA A 326 9.69 -16.46 -12.75
C ALA A 326 10.90 -15.54 -12.77
N MET A 327 10.74 -14.36 -12.18
CA MET A 327 11.83 -13.40 -12.01
C MET A 327 12.90 -13.97 -11.09
N ALA A 328 12.47 -14.61 -10.01
CA ALA A 328 13.35 -15.25 -9.04
C ALA A 328 14.09 -16.45 -9.65
N SER A 329 13.41 -17.13 -10.57
CA SER A 329 13.93 -18.32 -11.24
C SER A 329 15.20 -18.05 -12.04
N ALA A 330 15.24 -16.91 -12.73
CA ALA A 330 16.40 -16.50 -13.51
C ALA A 330 17.58 -16.09 -12.64
N TYR A 331 17.28 -15.69 -11.40
CA TYR A 331 18.29 -15.23 -10.45
C TYR A 331 18.59 -16.30 -9.40
N ARG A 332 18.01 -17.49 -9.60
CA ARG A 332 18.15 -18.66 -8.73
C ARG A 332 17.77 -18.43 -7.27
N ILE A 333 16.77 -17.57 -7.08
CA ILE A 333 16.21 -17.30 -5.76
C ILE A 333 15.07 -18.30 -5.50
N PRO A 334 15.18 -19.09 -4.42
CA PRO A 334 14.12 -20.03 -4.03
C PRO A 334 12.82 -19.35 -3.56
N ILE A 335 11.68 -19.89 -3.99
CA ILE A 335 10.38 -19.39 -3.57
C ILE A 335 9.80 -20.29 -2.48
N ASN A 336 9.87 -19.82 -1.25
CA ASN A 336 9.31 -20.51 -0.10
C ASN A 336 8.08 -19.77 0.36
N ALA A 337 6.95 -20.04 -0.31
CA ALA A 337 5.74 -19.25 -0.15
C ALA A 337 5.21 -19.20 1.28
N HIS A 338 4.67 -18.04 1.64
CA HIS A 338 4.06 -17.83 2.95
C HIS A 338 2.60 -18.23 2.90
N SER A 339 2.15 -18.95 3.94
CA SER A 339 0.78 -19.45 3.99
C SER A 339 -0.14 -18.57 4.82
N SER A 340 -1.38 -18.41 4.34
CA SER A 340 -2.41 -17.68 5.08
C SER A 340 -3.21 -18.60 5.98
N ALA A 341 -4.50 -18.27 6.18
CA ALA A 341 -5.32 -18.94 7.19
C ALA A 341 -5.99 -20.24 6.71
N THR A 342 -6.80 -20.12 5.65
CA THR A 342 -7.66 -21.21 5.21
C THR A 342 -6.94 -22.30 4.43
N GLY A 343 -7.59 -23.46 4.34
CA GLY A 343 -7.11 -24.60 3.56
C GLY A 343 -7.22 -24.38 2.06
N LEU A 344 -8.00 -23.37 1.67
CA LEU A 344 -8.05 -22.90 0.28
C LEU A 344 -6.69 -22.37 -0.16
N ASN A 345 -6.15 -21.44 0.64
CA ASN A 345 -4.83 -20.85 0.38
C ASN A 345 -3.73 -21.90 0.40
N HIS A 346 -3.84 -22.83 1.36
CA HIS A 346 -2.90 -23.95 1.46
C HIS A 346 -2.92 -24.79 0.19
N ALA A 347 -4.12 -25.12 -0.29
CA ALA A 347 -4.29 -25.88 -1.54
C ALA A 347 -3.67 -25.17 -2.73
N ALA A 348 -3.95 -23.87 -2.85
CA ALA A 348 -3.43 -23.04 -3.94
C ALA A 348 -1.91 -22.96 -3.93
N THR A 349 -1.34 -22.83 -2.73
CA THR A 349 0.11 -22.72 -2.54
C THR A 349 0.84 -24.01 -2.96
N ILE A 350 0.32 -25.16 -2.53
CA ILE A 350 0.91 -26.46 -2.87
C ILE A 350 0.81 -26.72 -4.38
N HIS A 351 -0.35 -26.40 -4.96
CA HIS A 351 -0.55 -26.48 -6.41
CA HIS A 351 -0.55 -26.49 -6.40
C HIS A 351 0.47 -25.62 -7.15
N PHE A 352 0.68 -24.41 -6.64
CA PHE A 352 1.63 -23.45 -7.19
C PHE A 352 3.06 -23.98 -7.14
N LEU A 353 3.50 -24.42 -5.95
CA LEU A 353 4.87 -24.88 -5.75
C LEU A 353 5.22 -26.16 -6.50
N ALA A 354 4.21 -27.00 -6.78
CA ALA A 354 4.41 -28.22 -7.56
C ALA A 354 4.75 -27.94 -9.00
N ALA A 355 4.22 -26.83 -9.52
CA ALA A 355 4.45 -26.41 -10.89
C ALA A 355 5.55 -25.36 -11.01
N THR A 356 5.92 -24.78 -9.86
CA THR A 356 6.98 -23.77 -9.83
C THR A 356 8.36 -24.44 -9.80
N GLU A 357 9.16 -24.10 -10.81
CA GLU A 357 10.51 -24.61 -11.00
C GLU A 357 11.42 -24.41 -9.78
N ASN A 358 11.44 -23.18 -9.27
CA ASN A 358 12.35 -22.79 -8.18
C ASN A 358 11.69 -22.79 -6.80
N ALA A 359 10.75 -23.70 -6.60
CA ALA A 359 10.05 -23.82 -5.32
C ALA A 359 10.93 -24.40 -4.23
N GLY A 360 10.83 -23.84 -3.03
CA GLY A 360 11.59 -24.32 -1.87
C GLY A 360 10.71 -25.12 -0.93
N TYR A 361 10.30 -24.48 0.16
CA TYR A 361 9.47 -25.10 1.17
C TYR A 361 8.02 -24.62 1.10
N PHE A 362 7.11 -25.47 1.58
CA PHE A 362 5.75 -25.07 1.88
C PHE A 362 5.63 -24.80 3.37
N GLU A 363 5.06 -23.65 3.74
CA GLU A 363 4.83 -23.34 5.14
C GLU A 363 3.59 -24.07 5.64
N ALA A 364 3.80 -25.07 6.49
CA ALA A 364 2.71 -25.85 7.04
C ALA A 364 2.28 -25.29 8.39
N CYS A 365 1.00 -24.94 8.50
CA CYS A 365 0.44 -24.46 9.75
C CYS A 365 0.21 -25.63 10.70
N VAL A 366 0.89 -25.60 11.85
CA VAL A 366 0.87 -26.72 12.79
C VAL A 366 0.32 -26.37 14.18
N SER A 367 -0.11 -25.12 14.36
CA SER A 367 -0.85 -24.71 15.55
C SER A 367 -2.21 -25.40 15.50
N LYS A 368 -2.64 -25.99 16.61
CA LYS A 368 -3.90 -26.72 16.57
C LYS A 368 -5.14 -25.94 17.03
N PHE A 369 -4.94 -24.68 17.45
CA PHE A 369 -6.08 -23.76 17.55
C PHE A 369 -6.25 -22.96 16.25
N ASN A 370 -6.45 -23.68 15.15
CA ASN A 370 -6.69 -23.11 13.84
C ASN A 370 -7.67 -23.95 13.02
N PRO A 371 -8.98 -23.61 13.10
CA PRO A 371 -10.03 -24.35 12.39
C PRO A 371 -10.09 -24.07 10.90
N PHE A 372 -9.50 -22.94 10.46
CA PHE A 372 -9.52 -22.51 9.06
C PHE A 372 -8.76 -23.45 8.13
N ARG A 373 -7.69 -24.04 8.67
CA ARG A 373 -6.87 -25.02 7.95
C ARG A 373 -7.67 -26.30 7.62
N ASP A 374 -8.37 -26.82 8.62
CA ASP A 374 -9.12 -28.08 8.48
C ASP A 374 -10.60 -27.89 8.17
N MET A 375 -10.96 -26.64 7.81
CA MET A 375 -12.35 -26.20 7.62
C MET A 375 -13.19 -27.03 6.63
N PHE A 376 -12.57 -27.48 5.55
CA PHE A 376 -13.24 -28.32 4.56
C PHE A 376 -12.34 -29.40 3.98
N GLY A 377 -12.12 -30.46 4.76
CA GLY A 377 -11.32 -31.61 4.33
C GLY A 377 -9.83 -31.42 4.56
N THR A 378 -9.45 -31.29 5.83
CA THR A 378 -8.05 -31.10 6.29
C THR A 378 -7.30 -29.94 5.61
N PHE A 380 -4.16 -30.60 3.35
CA PHE A 380 -2.85 -31.21 3.27
C PHE A 380 -2.57 -32.17 4.44
N GLU A 381 -1.69 -33.13 4.19
CA GLU A 381 -1.22 -34.06 5.21
C GLU A 381 0.26 -34.32 5.00
N ILE A 382 1.03 -34.23 6.08
CA ILE A 382 2.48 -34.42 5.98
C ILE A 382 2.90 -35.90 6.08
N GLY A 383 3.64 -36.36 5.08
CA GLY A 383 4.12 -37.73 5.03
C GLY A 383 5.39 -37.93 5.83
N ALA A 384 5.89 -39.17 5.88
CA ALA A 384 7.10 -39.52 6.63
C ALA A 384 8.38 -39.04 5.95
N ASP A 385 8.26 -38.63 4.68
CA ASP A 385 9.35 -37.98 3.94
C ASP A 385 9.49 -36.49 4.29
N GLY A 386 8.56 -35.99 5.10
CA GLY A 386 8.52 -34.59 5.49
C GLY A 386 7.92 -33.72 4.40
N CYS A 387 7.12 -34.35 3.55
CA CYS A 387 6.59 -33.68 2.35
C CYS A 387 5.07 -33.62 2.31
N VAL A 388 4.58 -33.05 1.22
CA VAL A 388 3.18 -32.64 1.08
C VAL A 388 2.77 -32.70 -0.41
N GLU A 389 1.53 -33.09 -0.67
CA GLU A 389 1.03 -33.32 -2.04
C GLU A 389 -0.18 -32.46 -2.41
N PRO A 390 -0.22 -31.98 -3.67
CA PRO A 390 -1.42 -31.30 -4.17
C PRO A 390 -2.59 -32.27 -4.43
N PRO A 391 -3.83 -31.87 -4.10
CA PRO A 391 -5.05 -32.63 -4.37
C PRO A 391 -5.27 -32.89 -5.86
N ASP A 392 -5.73 -34.09 -6.20
CA ASP A 392 -5.93 -34.50 -7.58
C ASP A 392 -7.39 -34.36 -8.02
N ALA A 393 -7.91 -33.14 -7.88
CA ALA A 393 -9.27 -32.81 -8.30
C ALA A 393 -9.23 -31.48 -9.05
N PRO A 394 -10.16 -31.27 -10.02
CA PRO A 394 -10.22 -30.04 -10.83
C PRO A 394 -10.14 -28.74 -10.04
N GLY A 395 -9.39 -27.77 -10.56
CA GLY A 395 -9.18 -26.49 -9.89
C GLY A 395 -8.27 -26.63 -8.69
N LEU A 396 -8.71 -26.08 -7.56
CA LEU A 396 -7.93 -26.12 -6.32
C LEU A 396 -8.08 -27.45 -5.58
N GLY A 397 -9.05 -28.25 -6.00
CA GLY A 397 -9.28 -29.57 -5.42
C GLY A 397 -9.97 -29.58 -4.07
N ILE A 398 -10.60 -28.45 -3.72
CA ILE A 398 -11.32 -28.32 -2.47
C ILE A 398 -12.81 -28.08 -2.70
N GLU A 399 -13.64 -28.82 -1.97
CA GLU A 399 -15.09 -28.69 -2.02
C GLU A 399 -15.55 -27.76 -0.91
N VAL A 400 -16.30 -26.73 -1.25
CA VAL A 400 -16.70 -25.71 -0.26
C VAL A 400 -18.18 -25.80 0.11
N ASP A 401 -18.44 -26.22 1.35
CA ASP A 401 -19.78 -26.20 1.92
C ASP A 401 -19.99 -24.86 2.62
N GLU A 402 -20.99 -24.12 2.17
CA GLU A 402 -21.22 -22.76 2.67
C GLU A 402 -21.91 -22.69 4.04
N SER A 403 -22.40 -23.83 4.52
CA SER A 403 -23.03 -23.92 5.83
C SER A 403 -22.02 -23.84 6.97
N ILE A 404 -20.73 -24.00 6.66
CA ILE A 404 -19.66 -23.91 7.64
C ILE A 404 -19.35 -22.44 7.98
N PHE A 405 -19.75 -21.53 7.09
CA PHE A 405 -19.52 -20.08 7.29
C PHE A 405 -20.28 -19.50 8.48
N GLU A 406 -21.42 -20.12 8.81
CA GLU A 406 -22.26 -19.72 9.95
C GLU A 406 -21.61 -20.05 11.29
N LYS A 407 -20.80 -21.10 11.31
CA LYS A 407 -20.06 -21.52 12.51
C LYS A 407 -18.96 -20.53 12.90
N TYR A 408 -18.46 -19.76 11.93
CA TYR A 408 -17.49 -18.71 12.19
C TYR A 408 -17.97 -17.34 11.69
N PRO A 409 -18.76 -16.62 12.51
CA PRO A 409 -19.31 -15.33 12.11
C PRO A 409 -18.28 -14.20 12.22
N ALA A 410 -18.56 -13.08 11.55
CA ALA A 410 -17.63 -11.94 11.51
C ALA A 410 -17.64 -11.11 12.79
N VAL A 411 -16.45 -10.80 13.31
CA VAL A 411 -16.30 -9.97 14.51
C VAL A 411 -15.47 -8.72 14.17
N ASP A 412 -15.93 -7.55 14.62
CA ASP A 412 -15.25 -6.28 14.37
C ASP A 412 -14.01 -6.11 15.26
N MET B 39 -5.09 16.41 28.31
CA MET B 39 -6.04 16.42 27.16
C MET B 39 -5.98 15.11 26.38
N LYS B 40 -6.98 14.26 26.59
CA LYS B 40 -7.08 12.95 25.95
C LYS B 40 -7.91 13.00 24.68
N ILE B 41 -7.83 11.94 23.87
CA ILE B 41 -8.68 11.78 22.69
C ILE B 41 -9.91 10.97 23.08
N THR B 42 -11.10 11.48 22.75
CA THR B 42 -12.36 10.85 23.13
C THR B 42 -13.07 10.14 21.96
N LYS B 43 -13.14 10.80 20.81
CA LYS B 43 -13.82 10.27 19.64
C LYS B 43 -13.08 10.62 18.35
N ILE B 44 -12.95 9.63 17.47
CA ILE B 44 -12.45 9.87 16.11
C ILE B 44 -13.52 9.40 15.12
N ASN B 45 -13.97 10.31 14.25
CA ASN B 45 -15.03 10.01 13.30
C ASN B 45 -14.67 10.36 11.85
N ALA B 46 -14.88 9.41 10.96
CA ALA B 46 -14.66 9.62 9.54
C ALA B 46 -15.99 9.87 8.83
N ILE B 47 -16.12 11.04 8.22
CA ILE B 47 -17.35 11.41 7.51
C ILE B 47 -17.10 11.45 6.01
N PRO B 48 -17.61 10.45 5.27
CA PRO B 48 -17.44 10.44 3.81
C PRO B 48 -18.41 11.38 3.10
N LEU B 49 -17.89 12.14 2.15
CA LEU B 49 -18.66 13.10 1.38
C LEU B 49 -18.41 12.85 -0.10
N SER B 50 -19.39 13.18 -0.94
CA SER B 50 -19.24 13.07 -2.39
C SER B 50 -20.09 14.07 -3.18
N TYR B 51 -19.65 14.38 -4.39
CA TYR B 51 -20.31 15.34 -5.28
C TYR B 51 -20.30 14.83 -6.72
N ARG B 52 -21.48 14.82 -7.35
CA ARG B 52 -21.63 14.39 -8.74
CA ARG B 52 -21.62 14.40 -8.73
C ARG B 52 -21.77 15.60 -9.66
N LEU B 53 -20.99 15.61 -10.74
CA LEU B 53 -20.98 16.73 -11.69
C LEU B 53 -21.61 16.36 -13.05
N PRO B 54 -22.29 17.33 -13.69
CA PRO B 54 -22.82 17.07 -15.04
C PRO B 54 -21.72 17.15 -16.10
N THR B 58 -17.02 17.33 -17.13
CA THR B 58 -15.98 16.31 -17.01
C THR B 58 -14.62 16.77 -17.57
N VAL B 59 -13.55 16.48 -16.84
CA VAL B 59 -12.19 16.81 -17.25
C VAL B 59 -11.38 15.51 -17.38
N THR B 60 -10.80 15.29 -18.56
CA THR B 60 -10.04 14.07 -18.84
C THR B 60 -8.56 14.22 -18.52
N MET B 61 -8.03 13.30 -17.71
CA MET B 61 -6.62 13.23 -17.38
C MET B 61 -6.07 11.84 -17.71
N GLY B 62 -4.82 11.58 -17.32
CA GLY B 62 -4.16 10.29 -17.54
C GLY B 62 -4.74 9.15 -16.72
N VAL B 63 -5.41 9.50 -15.61
CA VAL B 63 -6.11 8.52 -14.78
C VAL B 63 -7.48 8.19 -15.36
N GLY B 64 -7.94 9.02 -16.31
CA GLY B 64 -9.21 8.81 -16.99
C GLY B 64 -10.10 10.04 -17.02
N SER B 65 -11.40 9.84 -16.96
CA SER B 65 -12.37 10.91 -16.98
C SER B 65 -13.07 11.03 -15.62
N THR B 66 -13.05 12.23 -15.06
CA THR B 66 -13.62 12.48 -13.73
C THR B 66 -15.14 12.72 -13.82
N ILE B 67 -15.89 11.88 -13.11
CA ILE B 67 -17.35 11.98 -13.09
C ILE B 67 -17.92 12.29 -11.70
N LYS B 68 -17.14 11.97 -10.66
CA LYS B 68 -17.56 12.16 -9.27
C LYS B 68 -16.37 12.46 -8.37
N ARG B 69 -16.51 13.47 -7.52
CA ARG B 69 -15.47 13.82 -6.56
C ARG B 69 -15.83 13.43 -5.15
N ASP B 70 -14.96 12.65 -4.51
CA ASP B 70 -15.17 12.20 -3.14
C ASP B 70 -14.15 12.81 -2.18
N ALA B 71 -14.54 12.93 -0.92
CA ALA B 71 -13.68 13.44 0.14
C ALA B 71 -14.07 12.82 1.47
N ILE B 72 -13.08 12.58 2.33
CA ILE B 72 -13.34 12.07 3.68
C ILE B 72 -12.82 13.07 4.71
N ILE B 73 -13.72 13.60 5.52
CA ILE B 73 -13.39 14.59 6.54
C ILE B 73 -13.37 13.93 7.91
N ILE B 74 -12.29 14.16 8.65
CA ILE B 74 -12.09 13.52 9.93
C ILE B 74 -12.30 14.50 11.08
N ARG B 75 -13.07 14.08 12.08
CA ARG B 75 -13.31 14.85 13.27
C ARG B 75 -12.69 14.15 14.47
N VAL B 76 -11.80 14.85 15.18
CA VAL B 76 -11.24 14.32 16.42
C VAL B 76 -11.68 15.21 17.59
N GLU B 77 -12.34 14.60 18.57
CA GLU B 77 -12.82 15.29 19.76
C GLU B 77 -11.91 14.99 20.95
N THR B 78 -11.71 16.00 21.79
CA THR B 78 -10.85 15.85 22.96
C THR B 78 -11.62 15.87 24.28
N SER B 79 -10.92 15.54 25.37
CA SER B 79 -11.49 15.55 26.71
C SER B 79 -11.77 16.96 27.20
N GLU B 80 -10.98 17.92 26.71
CA GLU B 80 -11.13 19.31 27.14
C GLU B 80 -11.92 20.16 26.13
N GLY B 81 -12.77 19.51 25.35
CA GLY B 81 -13.74 20.19 24.51
C GLY B 81 -13.28 20.68 23.13
N ILE B 82 -11.96 20.71 22.92
CA ILE B 82 -11.38 21.17 21.65
C ILE B 82 -11.61 20.13 20.55
N THR B 83 -12.06 20.59 19.39
CA THR B 83 -12.36 19.72 18.26
C THR B 83 -11.47 20.07 17.07
N GLY B 84 -10.81 19.04 16.53
CA GLY B 84 -9.91 19.22 15.37
C GLY B 84 -10.46 18.57 14.11
N TYR B 85 -10.06 19.11 12.96
CA TYR B 85 -10.55 18.65 11.68
C TYR B 85 -9.43 18.33 10.71
N GLY B 86 -9.58 17.20 10.02
CA GLY B 86 -8.60 16.75 9.04
C GLY B 86 -9.25 16.20 7.80
N GLU B 87 -8.44 15.87 6.80
CA GLU B 87 -8.93 15.26 5.56
C GLU B 87 -8.12 14.04 5.19
N ALA B 88 -8.80 12.91 5.06
CA ALA B 88 -8.19 11.68 4.55
C ALA B 88 -8.59 11.50 3.09
N HIS B 89 -7.65 11.02 2.28
CA HIS B 89 -7.93 10.72 0.88
C HIS B 89 -8.82 9.47 0.77
N PRO B 90 -9.84 9.51 -0.12
CA PRO B 90 -10.79 8.40 -0.28
C PRO B 90 -10.20 7.14 -0.90
N GLY B 91 -9.06 7.27 -1.59
CA GLY B 91 -8.35 6.13 -2.18
C GLY B 91 -9.15 5.33 -3.19
N ARG B 92 -10.00 6.03 -3.96
CA ARG B 92 -10.90 5.46 -4.98
C ARG B 92 -11.92 4.43 -4.46
N SER B 93 -11.94 4.24 -3.13
CA SER B 93 -12.90 3.39 -2.46
C SER B 93 -13.10 3.91 -1.03
N PRO B 94 -13.87 5.03 -0.89
CA PRO B 94 -13.98 5.76 0.39
C PRO B 94 -14.61 4.98 1.54
N GLY B 95 -15.42 3.97 1.21
CA GLY B 95 -16.02 3.09 2.21
C GLY B 95 -15.00 2.27 2.99
N ALA B 96 -13.89 1.95 2.33
CA ALA B 96 -12.81 1.16 2.93
C ALA B 96 -11.99 1.93 3.97
N ILE B 97 -11.70 3.20 3.68
CA ILE B 97 -10.92 4.06 4.59
C ILE B 97 -11.76 4.43 5.81
N THR B 98 -13.05 4.72 5.56
CA THR B 98 -14.05 4.95 6.61
C THR B 98 -14.09 3.76 7.57
N SER B 99 -14.24 2.55 7.01
CA SER B 99 -14.25 1.31 7.78
C SER B 99 -12.96 1.07 8.55
N LEU B 100 -11.81 1.30 7.91
CA LEU B 100 -10.48 1.12 8.51
C LEU B 100 -10.29 1.99 9.74
N ILE B 101 -10.75 3.24 9.66
CA ILE B 101 -10.69 4.16 10.80
C ILE B 101 -11.63 3.70 11.92
N HIS B 102 -12.91 3.50 11.59
CA HIS B 102 -13.94 3.17 12.58
C HIS B 102 -13.73 1.83 13.29
N ASN B 103 -13.10 0.87 12.62
CA ASN B 103 -12.94 -0.47 13.18
C ASN B 103 -11.56 -0.81 13.76
N THR B 104 -10.51 -0.15 13.26
CA THR B 104 -9.14 -0.54 13.62
C THR B 104 -8.29 0.60 14.19
N ILE B 105 -8.20 1.69 13.44
CA ILE B 105 -7.27 2.79 13.77
C ILE B 105 -7.79 3.71 14.88
N ALA B 106 -9.06 4.09 14.83
CA ALA B 106 -9.64 4.89 15.91
C ALA B 106 -9.53 4.27 17.33
N PRO B 107 -9.92 2.98 17.52
CA PRO B 107 -9.76 2.35 18.84
C PRO B 107 -8.33 2.29 19.40
N MET B 108 -7.32 2.19 18.54
CA MET B 108 -5.93 2.16 19.01
C MET B 108 -5.39 3.54 19.40
N LEU B 109 -6.18 4.60 19.13
CA LEU B 109 -5.78 5.97 19.43
C LEU B 109 -6.65 6.69 20.47
N ILE B 110 -7.80 6.10 20.82
CA ILE B 110 -8.67 6.65 21.87
C ILE B 110 -7.97 6.50 23.22
N GLY B 111 -7.91 7.59 23.97
CA GLY B 111 -7.29 7.58 25.29
C GLY B 111 -5.89 8.16 25.29
N MET B 112 -5.32 8.30 24.10
CA MET B 112 -4.00 8.91 23.94
C MET B 112 -4.07 10.40 24.20
N LYS B 113 -2.93 10.96 24.61
CA LYS B 113 -2.78 12.41 24.75
C LYS B 113 -2.83 13.03 23.34
N ALA B 114 -3.68 14.05 23.19
CA ALA B 114 -4.02 14.60 21.87
C ALA B 114 -2.91 15.40 21.18
N THR B 115 -1.90 15.81 21.94
CA THR B 115 -0.75 16.51 21.40
C THR B 115 0.36 15.56 20.98
N ASP B 116 0.24 14.30 21.40
CA ASP B 116 1.22 13.27 21.08
C ASP B 116 0.90 12.64 19.71
N CYS B 117 1.09 13.43 18.65
CA CYS B 117 0.81 12.95 17.30
C CYS B 117 1.95 12.11 16.72
N VAL B 118 3.15 12.27 17.27
CA VAL B 118 4.31 11.43 16.94
C VAL B 118 4.08 10.02 17.48
N GLY B 119 3.61 9.95 18.73
CA GLY B 119 3.28 8.69 19.38
C GLY B 119 2.05 8.03 18.80
N ALA B 120 1.12 8.85 18.31
CA ALA B 120 -0.07 8.38 17.61
C ALA B 120 0.31 7.77 16.27
N TRP B 121 1.26 8.41 15.59
CA TRP B 121 1.75 7.95 14.31
C TRP B 121 2.52 6.63 14.44
N GLN B 122 3.27 6.50 15.53
CA GLN B 122 4.06 5.28 15.78
C GLN B 122 3.24 4.03 16.06
N ARG B 123 2.05 4.21 16.63
CA ARG B 123 1.14 3.10 16.87
C ARG B 123 0.58 2.55 15.56
N VAL B 124 0.25 3.46 14.64
CA VAL B 124 -0.26 3.08 13.32
C VAL B 124 0.86 2.47 12.48
N HIS B 125 2.08 2.95 12.70
CA HIS B 125 3.25 2.43 12.02
C HIS B 125 3.51 0.96 12.34
N ARG B 126 3.40 0.59 13.61
CA ARG B 126 3.70 -0.79 14.02
C ARG B 126 2.52 -1.76 13.86
N MET B 127 1.30 -1.23 13.94
CA MET B 127 0.11 -2.07 13.83
C MET B 127 -0.43 -2.24 12.41
N GLN B 128 -0.05 -1.33 11.52
CA GLN B 128 -0.56 -1.34 10.15
C GLN B 128 0.49 -1.23 9.05
N LEU B 129 1.44 -0.31 9.22
CA LEU B 129 2.38 0.04 8.15
C LEU B 129 3.56 -0.92 8.01
N SER B 130 4.02 -1.47 9.14
CA SER B 130 5.20 -2.33 9.15
C SER B 130 4.90 -3.79 8.78
N SER B 131 3.75 -4.30 9.22
CA SER B 131 3.40 -5.71 9.06
C SER B 131 1.92 -5.96 8.84
N HIS B 132 1.64 -6.99 8.04
CA HIS B 132 0.31 -7.63 7.88
C HIS B 132 -0.91 -6.70 7.78
N GLY B 133 -0.70 -5.47 7.28
CA GLY B 133 -1.76 -4.47 7.27
C GLY B 133 -2.23 -4.10 5.88
N LEU B 134 -2.87 -2.94 5.79
CA LEU B 134 -3.40 -2.41 4.54
C LEU B 134 -2.40 -1.54 3.79
N GLY B 135 -1.26 -1.27 4.43
CA GLY B 135 -0.17 -0.52 3.83
C GLY B 135 -0.52 0.92 3.50
N ALA B 136 -0.73 1.18 2.22
CA ALA B 136 -1.01 2.53 1.71
C ALA B 136 -2.32 3.12 2.22
N GLY B 137 -3.31 2.25 2.45
CA GLY B 137 -4.62 2.67 2.94
C GLY B 137 -4.59 3.22 4.35
N ALA B 138 -3.70 2.66 5.18
CA ALA B 138 -3.53 3.11 6.56
C ALA B 138 -2.83 4.46 6.61
N ALA B 139 -1.95 4.70 5.64
CA ALA B 139 -1.28 5.99 5.51
C ALA B 139 -2.27 7.10 5.19
N LEU B 140 -3.25 6.81 4.33
CA LEU B 140 -4.33 7.74 3.99
C LEU B 140 -5.19 8.03 5.22
N ALA B 141 -5.44 6.99 6.01
CA ALA B 141 -6.26 7.09 7.21
C ALA B 141 -5.60 7.95 8.29
N ILE B 142 -4.35 7.65 8.61
CA ILE B 142 -3.61 8.42 9.62
C ILE B 142 -3.27 9.84 9.16
N SER B 143 -3.23 10.06 7.85
CA SER B 143 -3.00 11.39 7.28
C SER B 143 -4.02 12.43 7.75
N GLY B 144 -5.30 12.04 7.70
CA GLY B 144 -6.39 12.90 8.12
C GLY B 144 -6.45 13.07 9.63
N ILE B 145 -6.20 11.98 10.35
CA ILE B 145 -6.20 12.00 11.82
C ILE B 145 -5.08 12.89 12.36
N ASP B 146 -3.87 12.72 11.81
CA ASP B 146 -2.70 13.54 12.15
C ASP B 146 -3.00 15.01 11.91
N MET B 147 -3.57 15.30 10.74
CA MET B 147 -3.96 16.65 10.33
C MET B 147 -4.95 17.28 11.32
N ALA B 148 -5.90 16.47 11.79
CA ALA B 148 -6.85 16.88 12.81
C ALA B 148 -6.20 17.06 14.18
N LEU B 149 -5.20 16.24 14.48
CA LEU B 149 -4.46 16.34 15.74
C LEU B 149 -3.60 17.59 15.79
N TRP B 150 -3.07 18.00 14.64
CA TRP B 150 -2.31 19.25 14.54
C TRP B 150 -3.21 20.47 14.67
N ASP B 151 -4.45 20.35 14.19
CA ASP B 151 -5.47 21.39 14.31
C ASP B 151 -5.84 21.61 15.78
N ILE B 152 -5.93 20.52 16.54
CA ILE B 152 -6.11 20.56 17.99
C ILE B 152 -4.92 21.24 18.66
N ARG B 153 -3.71 20.85 18.24
CA ARG B 153 -2.45 21.36 18.78
C ARG B 153 -2.28 22.87 18.58
N GLY B 154 -2.76 23.37 17.44
CA GLY B 154 -2.75 24.80 17.17
C GLY B 154 -3.72 25.56 18.06
N LYS B 155 -4.91 24.99 18.23
CA LYS B 155 -5.97 25.58 19.05
C LYS B 155 -5.62 25.59 20.55
N ALA B 156 -4.93 24.54 21.00
CA ALA B 156 -4.51 24.41 22.39
C ALA B 156 -3.35 25.35 22.74
N ALA B 157 -2.50 25.63 21.75
CA ALA B 157 -1.35 26.50 21.93
C ALA B 157 -1.70 27.97 21.63
N ASN B 158 -2.90 28.19 21.12
CA ASN B 158 -3.36 29.47 20.56
C ASN B 158 -2.38 30.04 19.52
N MET B 159 -2.00 29.18 18.58
CA MET B 159 -1.10 29.54 17.48
C MET B 159 -1.68 29.01 16.18
N PRO B 160 -1.55 29.79 15.08
CA PRO B 160 -1.79 29.21 13.76
C PRO B 160 -0.69 28.20 13.44
N LEU B 161 -0.97 27.28 12.52
CA LEU B 161 -0.08 26.13 12.29
C LEU B 161 1.33 26.50 11.81
N TYR B 162 1.46 27.56 11.01
CA TYR B 162 2.77 28.05 10.58
C TYR B 162 3.64 28.48 11.74
N GLU B 163 3.00 29.02 12.78
CA GLU B 163 3.67 29.50 13.98
C GLU B 163 4.05 28.34 14.89
N LEU B 164 3.18 27.32 14.90
CA LEU B 164 3.40 26.09 15.66
C LEU B 164 4.58 25.30 15.10
N LEU B 165 4.77 25.36 13.79
CA LEU B 165 5.85 24.62 13.12
C LEU B 165 7.16 25.41 13.08
N GLY B 166 7.11 26.70 13.43
CA GLY B 166 8.30 27.53 13.53
C GLY B 166 8.54 28.50 12.39
N GLY B 167 7.57 28.60 11.49
CA GLY B 167 7.69 29.50 10.34
C GLY B 167 7.02 30.83 10.58
N SER B 168 6.83 31.59 9.49
CA SER B 168 6.15 32.87 9.54
C SER B 168 5.07 32.91 8.47
N LYS B 169 4.19 33.92 8.55
CA LYS B 169 3.21 34.18 7.51
C LYS B 169 3.95 34.77 6.32
N ARG B 170 4.16 33.95 5.30
CA ARG B 170 4.88 34.39 4.11
C ARG B 170 4.18 34.05 2.81
N ARG B 171 4.58 34.75 1.74
CA ARG B 171 3.98 34.58 0.43
C ARG B 171 4.56 33.34 -0.27
N ILE B 172 3.70 32.35 -0.50
CA ILE B 172 4.10 31.07 -1.09
C ILE B 172 3.57 30.97 -2.53
N PRO B 173 4.49 30.81 -3.50
CA PRO B 173 4.13 30.77 -4.93
C PRO B 173 3.17 29.64 -5.26
N ALA B 174 2.27 29.88 -6.21
CA ALA B 174 1.24 28.90 -6.54
C ALA B 174 1.13 28.71 -8.05
N TYR B 175 0.72 27.50 -8.45
CA TYR B 175 0.41 27.24 -9.84
C TYR B 175 -1.02 26.77 -10.00
N ALA B 176 -1.59 27.02 -11.18
CA ALA B 176 -2.93 26.55 -11.51
C ALA B 176 -2.89 25.04 -11.76
N GLY B 177 -3.46 24.30 -10.81
CA GLY B 177 -3.52 22.85 -10.89
C GLY B 177 -4.93 22.33 -10.70
N GLY B 178 -5.09 21.37 -9.79
CA GLY B 178 -6.38 20.73 -9.53
C GLY B 178 -6.85 19.90 -10.71
N ILE B 179 -8.16 19.67 -10.79
CA ILE B 179 -8.72 18.95 -11.94
C ILE B 179 -9.10 19.97 -13.03
N ALA B 180 -8.07 20.61 -13.58
CA ALA B 180 -8.23 21.61 -14.63
C ALA B 180 -7.13 21.44 -15.67
N LEU B 181 -7.25 22.17 -16.77
CA LEU B 181 -6.32 22.11 -17.91
C LEU B 181 -6.13 20.70 -18.49
N GLY B 182 -7.23 19.94 -18.59
CA GLY B 182 -7.21 18.58 -19.12
C GLY B 182 -7.18 18.47 -20.64
N TYR B 183 -7.54 17.30 -21.16
CA TYR B 183 -7.44 17.03 -22.59
C TYR B 183 -8.56 17.70 -23.38
N GLN B 184 -8.15 18.57 -24.30
CA GLN B 184 -9.03 19.38 -25.13
C GLN B 184 -8.20 19.89 -26.31
N PRO B 185 -8.86 20.39 -27.39
CA PRO B 185 -8.13 21.06 -28.48
C PRO B 185 -7.14 22.13 -27.98
N LYS B 186 -5.97 22.19 -28.64
CA LYS B 186 -4.85 23.02 -28.19
C LYS B 186 -5.13 24.53 -28.04
N GLU B 187 -6.04 25.04 -28.87
CA GLU B 187 -6.44 26.45 -28.83
C GLU B 187 -7.35 26.76 -27.64
N SER B 188 -8.23 25.81 -27.30
CA SER B 188 -9.11 25.92 -26.13
C SER B 188 -8.33 25.75 -24.83
N LEU B 189 -7.26 24.95 -24.90
CA LEU B 189 -6.37 24.70 -23.77
C LEU B 189 -5.51 25.94 -23.50
N ALA B 190 -5.16 26.65 -24.57
CA ALA B 190 -4.42 27.91 -24.49
C ALA B 190 -5.24 29.03 -23.88
N GLU B 191 -6.54 29.05 -24.19
CA GLU B 191 -7.48 30.05 -23.69
C GLU B 191 -7.73 29.90 -22.19
N GLU B 192 -7.78 28.66 -21.73
CA GLU B 192 -7.94 28.35 -20.30
C GLU B 192 -6.69 28.78 -19.53
N ALA B 193 -5.53 28.59 -20.14
CA ALA B 193 -4.25 28.98 -19.57
C ALA B 193 -4.13 30.50 -19.43
N GLN B 194 -4.60 31.21 -20.46
CA GLN B 194 -4.60 32.69 -20.48
C GLN B 194 -5.48 33.28 -19.39
N GLU B 195 -6.59 32.58 -19.09
CA GLU B 195 -7.51 32.95 -18.03
C GLU B 195 -6.84 32.94 -16.65
N TYR B 196 -5.92 32.00 -16.45
CA TYR B 196 -5.24 31.87 -15.16
C TYR B 196 -4.14 32.92 -14.93
N ILE B 197 -3.44 33.31 -15.99
CA ILE B 197 -2.45 34.39 -15.89
C ILE B 197 -3.15 35.73 -15.67
N ALA B 198 -4.31 35.89 -16.29
CA ALA B 198 -5.20 37.02 -16.05
C ALA B 198 -5.66 37.08 -14.59
N ARG B 199 -5.76 35.91 -13.97
CA ARG B 199 -6.09 35.79 -12.55
C ARG B 199 -4.86 35.89 -11.63
N GLY B 200 -3.69 36.10 -12.23
CA GLY B 200 -2.47 36.38 -11.46
C GLY B 200 -1.43 35.26 -11.35
N TYR B 201 -1.72 34.10 -11.93
CA TYR B 201 -0.79 32.96 -11.89
C TYR B 201 0.43 33.19 -12.78
N LYS B 202 1.62 32.95 -12.21
CA LYS B 202 2.86 32.99 -12.97
C LYS B 202 3.29 31.59 -13.38
N ALA B 203 2.50 30.60 -12.98
CA ALA B 203 2.78 29.20 -13.28
C ALA B 203 1.49 28.39 -13.42
N LEU B 204 1.54 27.33 -14.23
CA LEU B 204 0.38 26.47 -14.48
C LEU B 204 0.81 25.04 -14.81
N LYS B 205 -0.09 24.08 -14.55
CA LYS B 205 0.20 22.67 -14.83
C LYS B 205 -0.71 22.06 -15.90
N LEU B 206 -0.12 21.84 -17.07
CA LEU B 206 -0.81 21.20 -18.19
C LEU B 206 -0.93 19.69 -17.98
N ARG B 207 -2.13 19.16 -18.22
CA ARG B 207 -2.35 17.71 -18.15
C ARG B 207 -1.98 17.07 -19.48
N ILE B 208 -0.99 16.19 -19.44
CA ILE B 208 -0.53 15.46 -20.61
C ILE B 208 -0.70 13.96 -20.40
N GLY B 209 -0.45 13.17 -21.44
CA GLY B 209 -0.46 11.72 -21.30
C GLY B 209 -1.50 10.90 -22.03
N ASP B 210 -2.25 11.50 -22.95
CA ASP B 210 -3.19 10.70 -23.77
C ASP B 210 -2.55 10.12 -25.04
N ALA B 211 -1.78 10.94 -25.75
CA ALA B 211 -0.94 10.47 -26.85
C ALA B 211 0.24 11.42 -26.97
N ALA B 212 1.41 10.87 -27.29
CA ALA B 212 2.63 11.64 -27.40
C ALA B 212 2.49 12.81 -28.38
N ARG B 213 2.01 12.51 -29.59
CA ARG B 213 1.90 13.49 -30.67
CA ARG B 213 1.91 13.50 -30.66
C ARG B 213 1.00 14.67 -30.29
N VAL B 214 -0.19 14.36 -29.76
CA VAL B 214 -1.18 15.41 -29.44
C VAL B 214 -0.75 16.32 -28.29
N ASP B 215 -0.10 15.76 -27.26
CA ASP B 215 0.34 16.62 -26.16
C ASP B 215 1.72 17.22 -26.36
N ILE B 216 2.44 16.80 -27.39
CA ILE B 216 3.60 17.54 -27.89
C ILE B 216 3.07 18.80 -28.59
N GLU B 217 2.06 18.61 -29.43
CA GLU B 217 1.35 19.67 -30.15
C GLU B 217 0.71 20.68 -29.20
N ARG B 218 0.09 20.18 -28.13
CA ARG B 218 -0.55 21.02 -27.12
C ARG B 218 0.46 21.84 -26.32
N VAL B 219 1.51 21.18 -25.86
CA VAL B 219 2.56 21.79 -25.03
C VAL B 219 3.35 22.89 -25.77
N ARG B 220 3.56 22.68 -27.08
CA ARG B 220 4.25 23.66 -27.92
C ARG B 220 3.43 24.92 -28.15
N HIS B 221 2.12 24.74 -28.32
CA HIS B 221 1.19 25.84 -28.58
C HIS B 221 1.00 26.74 -27.36
N VAL B 222 1.06 26.16 -26.17
CA VAL B 222 0.89 26.91 -24.92
C VAL B 222 2.08 27.83 -24.67
N ARG B 223 3.30 27.31 -24.83
CA ARG B 223 4.52 28.13 -24.82
C ARG B 223 4.50 29.27 -25.83
N LYS B 224 3.89 28.99 -26.98
CA LYS B 224 3.80 29.94 -28.09
C LYS B 224 2.92 31.14 -27.74
N VAL B 225 1.80 30.90 -27.05
CA VAL B 225 0.82 31.95 -26.75
C VAL B 225 1.05 32.67 -25.41
N LEU B 226 1.87 32.09 -24.54
CA LEU B 226 2.09 32.64 -23.19
C LEU B 226 3.47 33.27 -23.02
N GLY B 227 4.38 33.01 -23.95
CA GLY B 227 5.75 33.47 -23.85
C GLY B 227 6.54 32.60 -22.88
N ASP B 228 7.83 32.89 -22.75
CA ASP B 228 8.70 32.10 -21.88
C ASP B 228 8.95 32.77 -20.51
N GLU B 229 7.89 33.32 -19.94
CA GLU B 229 7.93 33.93 -18.61
C GLU B 229 7.10 33.13 -17.61
N VAL B 230 6.29 32.22 -18.14
CA VAL B 230 5.38 31.41 -17.33
C VAL B 230 5.99 30.02 -17.10
N ASP B 231 6.07 29.62 -15.84
CA ASP B 231 6.56 28.29 -15.50
C ASP B 231 5.51 27.23 -15.86
N ILE B 232 5.65 26.65 -17.05
CA ILE B 232 4.74 25.60 -17.50
C ILE B 232 5.16 24.25 -16.93
N LEU B 233 4.28 23.66 -16.13
CA LEU B 233 4.53 22.36 -15.53
C LEU B 233 3.66 21.32 -16.23
N THR B 234 4.09 20.06 -16.20
CA THR B 234 3.39 19.00 -16.89
C THR B 234 3.11 17.82 -15.96
N ASP B 235 1.97 17.16 -16.15
CA ASP B 235 1.62 15.97 -15.38
C ASP B 235 1.03 14.92 -16.32
N ALA B 236 1.67 13.75 -16.36
CA ALA B 236 1.24 12.66 -17.23
C ALA B 236 0.25 11.73 -16.57
N ASN B 237 0.11 11.86 -15.23
CA ASN B 237 -0.79 11.05 -14.41
C ASN B 237 -0.68 9.53 -14.64
N THR B 238 0.55 9.03 -14.53
CA THR B 238 0.90 7.59 -14.63
C THR B 238 0.62 6.91 -15.98
N ALA B 239 0.51 7.69 -17.06
CA ALA B 239 -0.02 7.17 -18.33
C ALA B 239 1.01 6.94 -19.45
N TYR B 240 2.21 7.49 -19.29
CA TYR B 240 3.27 7.29 -20.29
C TYR B 240 3.95 5.93 -20.19
N THR B 241 4.39 5.42 -21.33
CA THR B 241 5.37 4.33 -21.38
C THR B 241 6.73 4.97 -21.58
N MET B 242 7.77 4.15 -21.61
CA MET B 242 9.13 4.65 -21.83
C MET B 242 9.30 5.18 -23.26
N ALA B 243 8.65 4.50 -24.21
CA ALA B 243 8.64 4.90 -25.63
C ALA B 243 8.01 6.27 -25.84
N ASP B 244 6.95 6.55 -25.09
CA ASP B 244 6.30 7.86 -25.08
C ASP B 244 7.23 8.93 -24.53
N ALA B 245 7.94 8.58 -23.45
CA ALA B 245 8.81 9.51 -22.74
C ALA B 245 9.98 10.01 -23.58
N ARG B 246 10.63 9.11 -24.32
CA ARG B 246 11.78 9.49 -25.14
C ARG B 246 11.41 10.34 -26.37
N ARG B 247 10.10 10.46 -26.61
CA ARG B 247 9.55 11.34 -27.63
C ARG B 247 9.14 12.69 -27.03
N VAL B 248 8.55 12.65 -25.84
CA VAL B 248 7.99 13.84 -25.18
C VAL B 248 9.04 14.68 -24.44
N LEU B 249 9.95 14.03 -23.73
CA LEU B 249 11.02 14.73 -22.99
C LEU B 249 11.91 15.72 -23.76
N PRO B 250 12.32 15.40 -25.02
CA PRO B 250 13.03 16.43 -25.80
C PRO B 250 12.23 17.70 -26.08
N VAL B 251 10.92 17.59 -26.32
CA VAL B 251 10.09 18.78 -26.59
C VAL B 251 9.81 19.55 -25.30
N LEU B 252 9.81 18.85 -24.16
CA LEU B 252 9.66 19.48 -22.85
C LEU B 252 10.90 20.31 -22.49
N ALA B 253 12.07 19.79 -22.85
CA ALA B 253 13.33 20.52 -22.69
C ALA B 253 13.39 21.72 -23.63
N GLU B 254 12.83 21.54 -24.83
CA GLU B 254 12.71 22.59 -25.84
C GLU B 254 11.83 23.75 -25.34
N ILE B 255 10.69 23.40 -24.75
CA ILE B 255 9.78 24.41 -24.18
C ILE B 255 10.14 24.80 -22.74
N GLN B 256 11.22 24.22 -22.23
CA GLN B 256 11.76 24.48 -20.88
C GLN B 256 10.72 24.33 -19.77
N ALA B 257 10.07 23.16 -19.72
CA ALA B 257 9.09 22.86 -18.68
C ALA B 257 9.76 22.69 -17.32
N GLY B 258 9.04 23.08 -16.28
CA GLY B 258 9.56 23.05 -14.91
C GLY B 258 9.80 21.66 -14.35
N TRP B 259 8.88 20.74 -14.67
CA TRP B 259 9.02 19.31 -14.34
C TRP B 259 8.06 18.42 -15.16
N LEU B 260 8.38 17.13 -15.24
CA LEU B 260 7.42 16.13 -15.68
C LEU B 260 6.93 15.34 -14.46
N GLU B 261 5.65 15.52 -14.14
CA GLU B 261 5.07 14.90 -12.97
C GLU B 261 4.45 13.56 -13.31
N GLU B 262 4.81 12.55 -12.51
CA GLU B 262 4.26 11.20 -12.55
C GLU B 262 4.05 10.60 -13.95
N PRO B 263 5.15 10.30 -14.67
CA PRO B 263 5.00 9.68 -15.99
C PRO B 263 4.56 8.22 -15.95
N PHE B 264 4.85 7.52 -14.86
CA PHE B 264 4.55 6.08 -14.75
C PHE B 264 3.82 5.76 -13.48
N ALA B 265 3.49 4.47 -13.32
CA ALA B 265 2.91 3.92 -12.10
C ALA B 265 3.80 4.18 -10.89
N CYS B 266 3.18 4.33 -9.73
CA CYS B 266 3.89 4.68 -8.49
C CYS B 266 4.97 3.68 -8.10
N ASN B 267 4.77 2.42 -8.47
CA ASN B 267 5.72 1.34 -8.17
C ASN B 267 6.67 0.99 -9.33
N ASP B 268 6.59 1.76 -10.42
CA ASP B 268 7.35 1.49 -11.64
C ASP B 268 8.79 2.02 -11.50
N PHE B 269 9.58 1.34 -10.69
CA PHE B 269 10.92 1.77 -10.29
C PHE B 269 11.94 1.82 -11.43
N ALA B 270 11.82 0.89 -12.37
CA ALA B 270 12.81 0.74 -13.43
C ALA B 270 12.60 1.76 -14.52
N SER B 271 11.35 2.17 -14.72
CA SER B 271 11.03 3.23 -15.65
C SER B 271 11.45 4.58 -15.09
N TYR B 272 11.27 4.78 -13.79
CA TYR B 272 11.67 6.03 -13.14
C TYR B 272 13.17 6.31 -13.23
N ARG B 273 14.00 5.28 -13.13
CA ARG B 273 15.45 5.49 -13.25
C ARG B 273 15.92 5.63 -14.69
N GLU B 274 15.13 5.09 -15.63
CA GLU B 274 15.49 5.12 -17.05
C GLU B 274 15.17 6.45 -17.75
N VAL B 275 14.14 7.17 -17.29
CA VAL B 275 13.83 8.51 -17.85
C VAL B 275 14.84 9.58 -17.47
N ALA B 276 15.44 9.43 -16.29
CA ALA B 276 16.45 10.37 -15.80
C ALA B 276 17.62 10.49 -16.77
N LYS B 277 17.82 9.43 -17.55
CA LYS B 277 18.88 9.34 -18.55
C LYS B 277 18.57 10.09 -19.86
N ILE B 278 17.33 10.56 -20.02
CA ILE B 278 16.93 11.22 -21.28
C ILE B 278 17.42 12.68 -21.36
N THR B 279 16.98 13.50 -20.40
CA THR B 279 17.43 14.90 -20.36
C THR B 279 17.60 15.41 -18.94
N PRO B 280 18.74 16.08 -18.66
CA PRO B 280 18.94 16.71 -17.36
C PRO B 280 18.29 18.10 -17.24
N LEU B 281 17.69 18.58 -18.33
CA LEU B 281 17.15 19.95 -18.39
C LEU B 281 15.75 20.06 -17.80
N VAL B 282 15.08 18.92 -17.67
CA VAL B 282 13.79 18.87 -16.98
C VAL B 282 13.76 17.71 -15.99
N PRO B 283 13.54 18.02 -14.69
CA PRO B 283 13.52 17.00 -13.65
C PRO B 283 12.22 16.19 -13.65
N ILE B 284 12.29 15.00 -13.07
CA ILE B 284 11.10 14.16 -12.90
C ILE B 284 10.50 14.47 -11.53
N ALA B 285 9.17 14.57 -11.48
CA ALA B 285 8.47 14.88 -10.25
C ALA B 285 7.52 13.76 -9.88
N ALA B 286 7.48 13.41 -8.59
CA ALA B 286 6.61 12.36 -8.07
C ALA B 286 6.40 12.51 -6.56
N GLY B 287 5.36 11.85 -6.04
CA GLY B 287 5.09 11.85 -4.60
C GLY B 287 3.63 11.75 -4.24
N GLU B 288 2.76 12.09 -5.19
CA GLU B 288 1.31 12.07 -5.02
C GLU B 288 0.80 10.71 -4.57
N ASN B 289 1.31 9.65 -5.20
CA ASN B 289 0.95 8.28 -4.86
C ASN B 289 2.10 7.60 -4.11
N HIS B 290 2.66 8.30 -3.14
CA HIS B 290 3.73 7.77 -2.31
C HIS B 290 3.49 8.06 -0.83
N TYR B 291 3.83 7.10 0.01
CA TYR B 291 3.35 7.04 1.39
C TYR B 291 4.49 6.73 2.35
N THR B 292 4.56 7.51 3.42
CA THR B 292 5.63 7.48 4.45
C THR B 292 7.01 7.93 3.94
N ARG B 293 7.91 8.23 4.87
CA ARG B 293 9.28 8.66 4.57
C ARG B 293 10.14 7.52 4.03
N PHE B 294 9.66 6.29 4.18
CA PHE B 294 10.40 5.12 3.74
C PHE B 294 10.31 4.92 2.24
N GLU B 295 9.15 5.22 1.65
CA GLU B 295 9.00 5.17 0.20
C GLU B 295 9.72 6.34 -0.47
N PHE B 296 9.72 7.49 0.18
CA PHE B 296 10.45 8.66 -0.30
C PHE B 296 11.96 8.49 -0.17
N GLY B 297 12.38 7.75 0.86
CA GLY B 297 13.80 7.43 1.07
C GLY B 297 14.36 6.51 0.00
N GLN B 298 13.52 5.60 -0.50
CA GLN B 298 13.87 4.72 -1.59
C GLN B 298 14.05 5.48 -2.89
N MET B 299 13.24 6.51 -3.09
CA MET B 299 13.38 7.34 -4.29
C MET B 299 14.45 8.42 -4.12
N LEU B 300 14.93 8.60 -2.89
CA LEU B 300 16.08 9.46 -2.64
C LEU B 300 17.37 8.80 -3.13
N ASP B 301 17.61 7.56 -2.72
CA ASP B 301 18.87 6.89 -3.08
C ASP B 301 18.86 6.17 -4.42
N ALA B 302 17.70 6.18 -5.09
CA ALA B 302 17.62 5.85 -6.51
C ALA B 302 18.13 7.05 -7.31
N GLY B 303 17.83 8.25 -6.81
CA GLY B 303 18.40 9.50 -7.32
C GLY B 303 17.77 10.06 -8.57
N ALA B 304 16.70 9.42 -9.04
CA ALA B 304 16.05 9.77 -10.30
C ALA B 304 15.05 10.93 -10.17
N VAL B 305 14.20 10.87 -9.15
CA VAL B 305 13.17 11.89 -8.91
C VAL B 305 13.75 13.01 -8.03
N GLN B 306 13.87 14.20 -8.60
CA GLN B 306 14.50 15.34 -7.91
C GLN B 306 13.52 16.44 -7.49
N VAL B 307 12.23 16.19 -7.72
CA VAL B 307 11.16 17.09 -7.28
C VAL B 307 10.09 16.25 -6.57
N TRP B 308 9.90 16.51 -5.28
CA TRP B 308 9.02 15.69 -4.44
C TRP B 308 7.68 16.40 -4.18
N GLN B 309 6.59 15.65 -4.33
CA GLN B 309 5.24 16.19 -4.10
CA GLN B 309 5.24 16.19 -4.13
C GLN B 309 4.40 15.36 -3.16
N PRO B 310 4.71 15.40 -1.85
CA PRO B 310 3.83 14.62 -0.97
C PRO B 310 2.47 15.29 -0.77
N ASP B 311 1.41 14.50 -0.79
CA ASP B 311 0.09 14.98 -0.41
C ASP B 311 -0.08 14.72 1.08
N LEU B 312 -0.39 15.77 1.83
CA LEU B 312 -0.55 15.66 3.29
C LEU B 312 -1.78 14.86 3.71
N SER B 313 -2.70 14.66 2.77
CA SER B 313 -3.86 13.79 2.97
C SER B 313 -3.57 12.35 2.55
N LYS B 314 -2.34 12.07 2.14
CA LYS B 314 -1.94 10.74 1.66
C LYS B 314 -0.71 10.17 2.36
N CYS B 315 0.33 10.98 2.50
CA CYS B 315 1.68 10.53 2.85
C CYS B 315 1.87 10.12 4.32
N GLY B 316 0.96 10.56 5.18
CA GLY B 316 1.06 10.27 6.61
C GLY B 316 0.76 11.49 7.46
N GLY B 317 0.33 12.57 6.80
CA GLY B 317 -0.05 13.78 7.50
C GLY B 317 1.04 14.82 7.59
N ILE B 318 0.85 15.77 8.50
CA ILE B 318 1.78 16.87 8.71
C ILE B 318 3.06 16.36 9.36
N THR B 319 2.92 15.51 10.38
CA THR B 319 4.06 14.89 11.07
C THR B 319 5.02 14.22 10.09
N GLU B 320 4.47 13.37 9.23
CA GLU B 320 5.28 12.69 8.22
C GLU B 320 5.74 13.63 7.10
N GLY B 321 4.90 14.62 6.81
CA GLY B 321 5.26 15.69 5.86
C GLY B 321 6.54 16.41 6.22
N ILE B 322 6.67 16.79 7.49
CA ILE B 322 7.89 17.43 8.03
C ILE B 322 9.11 16.51 7.84
N ARG B 323 8.94 15.24 8.20
CA ARG B 323 9.99 14.23 8.09
C ARG B 323 10.46 14.01 6.64
N ILE B 324 9.52 13.98 5.70
CA ILE B 324 9.82 13.85 4.27
C ILE B 324 10.56 15.10 3.75
N ALA B 325 10.05 16.28 4.12
CA ALA B 325 10.61 17.56 3.68
C ALA B 325 12.02 17.82 4.21
N ALA B 326 12.31 17.35 5.41
CA ALA B 326 13.62 17.55 6.05
C ALA B 326 14.71 16.70 5.41
N MET B 327 14.34 15.50 4.97
CA MET B 327 15.22 14.61 4.23
C MET B 327 15.54 15.23 2.87
N ALA B 328 14.52 15.79 2.22
CA ALA B 328 14.66 16.49 0.95
C ALA B 328 15.51 17.75 1.09
N SER B 329 15.36 18.43 2.23
CA SER B 329 16.07 19.67 2.54
C SER B 329 17.59 19.52 2.52
N ALA B 330 18.08 18.44 3.13
CA ALA B 330 19.52 18.16 3.16
C ALA B 330 20.08 17.89 1.77
N TYR B 331 19.25 17.33 0.89
CA TYR B 331 19.64 17.01 -0.48
C TYR B 331 19.17 18.04 -1.48
N ARG B 332 18.71 19.19 -0.96
CA ARG B 332 18.27 20.36 -1.72
C ARG B 332 17.16 20.10 -2.73
N ILE B 333 16.31 19.14 -2.40
CA ILE B 333 15.15 18.77 -3.21
C ILE B 333 13.96 19.62 -2.77
N PRO B 334 13.32 20.33 -3.72
CA PRO B 334 12.16 21.16 -3.39
C PRO B 334 10.89 20.34 -3.14
N ILE B 335 10.10 20.78 -2.16
CA ILE B 335 8.81 20.17 -1.87
C ILE B 335 7.69 21.00 -2.48
N ASN B 336 7.03 20.43 -3.48
CA ASN B 336 5.92 21.07 -4.16
C ASN B 336 4.65 20.29 -3.91
N ALA B 337 4.17 20.35 -2.66
CA ALA B 337 3.07 19.49 -2.17
C ALA B 337 1.85 19.36 -3.08
N HIS B 338 1.37 18.12 -3.19
CA HIS B 338 0.16 17.81 -3.92
C HIS B 338 -1.04 18.15 -3.03
N SER B 339 -2.07 18.75 -3.63
CA SER B 339 -3.27 19.14 -2.90
C SER B 339 -4.44 18.18 -3.13
N SER B 340 -5.19 17.92 -2.06
CA SER B 340 -6.41 17.12 -2.15
C SER B 340 -7.63 18.00 -2.41
N ALA B 341 -8.83 17.47 -2.11
CA ALA B 341 -10.08 18.11 -2.49
C ALA B 341 -10.50 19.31 -1.64
N THR B 342 -10.47 19.15 -0.32
CA THR B 342 -11.07 20.14 0.59
C THR B 342 -10.18 21.34 0.89
N GLY B 343 -10.83 22.43 1.31
CA GLY B 343 -10.14 23.64 1.78
C GLY B 343 -9.45 23.46 3.11
N LEU B 344 -9.75 22.34 3.79
CA LEU B 344 -9.03 21.92 4.99
C LEU B 344 -7.60 21.50 4.65
N ASN B 345 -7.45 20.64 3.64
CA ASN B 345 -6.14 20.20 3.15
C ASN B 345 -5.34 21.36 2.56
N HIS B 346 -6.06 22.25 1.88
CA HIS B 346 -5.48 23.47 1.32
C HIS B 346 -4.93 24.39 2.41
N ALA B 347 -5.62 24.45 3.55
CA ALA B 347 -5.14 25.21 4.69
C ALA B 347 -3.88 24.59 5.29
N ALA B 348 -3.92 23.29 5.51
CA ALA B 348 -2.80 22.53 6.09
C ALA B 348 -1.55 22.60 5.21
N THR B 349 -1.75 22.54 3.89
CA THR B 349 -0.65 22.59 2.92
C THR B 349 0.08 23.93 2.93
N ILE B 350 -0.69 25.03 2.89
CA ILE B 350 -0.11 26.38 2.88
C ILE B 350 0.61 26.70 4.19
N HIS B 351 0.05 26.22 5.31
CA HIS B 351 0.69 26.34 6.62
CA HIS B 351 0.69 26.33 6.61
C HIS B 351 2.01 25.57 6.65
N PHE B 352 1.97 24.35 6.11
CA PHE B 352 3.14 23.47 6.02
C PHE B 352 4.25 24.08 5.16
N LEU B 353 3.88 24.65 4.02
CA LEU B 353 4.85 25.26 3.10
C LEU B 353 5.42 26.58 3.63
N ALA B 354 4.66 27.26 4.47
CA ALA B 354 5.12 28.48 5.13
C ALA B 354 6.28 28.21 6.10
N ALA B 355 6.21 27.07 6.77
CA ALA B 355 7.21 26.69 7.75
C ALA B 355 8.27 25.74 7.19
N THR B 356 8.08 25.27 5.96
CA THR B 356 9.06 24.41 5.30
C THR B 356 10.03 25.25 4.50
N GLU B 357 11.30 25.14 4.87
CA GLU B 357 12.38 25.90 4.28
C GLU B 357 12.56 25.63 2.77
N ASN B 358 12.48 24.36 2.39
CA ASN B 358 12.66 23.96 0.99
C ASN B 358 11.35 23.82 0.22
N ALA B 359 10.37 24.64 0.57
CA ALA B 359 9.08 24.65 -0.10
C ALA B 359 9.16 25.37 -1.44
N GLY B 360 8.51 24.79 -2.45
CA GLY B 360 8.42 25.42 -3.75
C GLY B 360 7.03 25.98 -4.00
N TYR B 361 6.20 25.18 -4.65
CA TYR B 361 4.88 25.60 -5.06
C TYR B 361 3.75 25.03 -4.21
N PHE B 362 2.67 25.81 -4.11
CA PHE B 362 1.38 25.30 -3.65
C PHE B 362 0.54 24.98 -4.87
N GLU B 363 -0.04 23.77 -4.90
CA GLU B 363 -0.93 23.40 -6.00
C GLU B 363 -2.34 23.92 -5.74
N ALA B 364 -2.73 24.93 -6.51
CA ALA B 364 -4.03 25.57 -6.33
C ALA B 364 -5.06 24.98 -7.28
N CYS B 365 -6.17 24.49 -6.71
CA CYS B 365 -7.28 23.98 -7.51
C CYS B 365 -8.04 25.13 -8.14
N VAL B 366 -8.21 25.08 -9.46
CA VAL B 366 -8.83 26.18 -10.20
C VAL B 366 -10.04 25.75 -11.03
N SER B 367 -10.48 24.51 -10.84
CA SER B 367 -11.65 23.98 -11.53
C SER B 367 -12.92 24.65 -11.01
N LYS B 368 -13.82 24.98 -11.93
CA LYS B 368 -15.08 25.67 -11.60
C LYS B 368 -16.05 24.78 -10.83
N PHE B 369 -16.03 23.48 -11.14
CA PHE B 369 -16.86 22.50 -10.43
C PHE B 369 -16.08 21.71 -9.38
N ASN B 370 -15.63 22.42 -8.34
CA ASN B 370 -15.10 21.80 -7.12
C ASN B 370 -15.60 22.56 -5.89
N PRO B 371 -16.71 22.07 -5.29
CA PRO B 371 -17.32 22.68 -4.11
C PRO B 371 -16.54 22.46 -2.81
N PHE B 372 -15.68 21.43 -2.78
CA PHE B 372 -14.89 21.09 -1.59
C PHE B 372 -13.85 22.16 -1.26
N ARG B 373 -13.35 22.85 -2.29
CA ARG B 373 -12.38 23.92 -2.15
C ARG B 373 -12.95 25.12 -1.37
N ASP B 374 -14.08 25.65 -1.85
CA ASP B 374 -14.74 26.79 -1.20
C ASP B 374 -15.91 26.33 -0.33
N MET B 375 -15.67 25.28 0.44
CA MET B 375 -16.72 24.65 1.25
C MET B 375 -17.03 25.43 2.53
N PHE B 376 -15.99 25.99 3.16
CA PHE B 376 -16.20 26.77 4.38
C PHE B 376 -15.70 28.21 4.24
N GLY B 377 -14.40 28.42 4.42
CA GLY B 377 -13.81 29.75 4.38
C GLY B 377 -12.79 29.89 3.25
N THR B 378 -13.26 29.65 2.03
CA THR B 378 -12.44 29.63 0.80
C THR B 378 -11.16 28.80 0.94
N PHE B 380 -8.22 30.20 0.81
CA PHE B 380 -7.09 30.78 0.10
C PHE B 380 -7.50 31.62 -1.11
N GLU B 381 -6.72 32.65 -1.39
CA GLU B 381 -6.93 33.49 -2.57
C GLU B 381 -5.56 33.91 -3.12
N ILE B 382 -5.41 33.81 -4.44
CA ILE B 382 -4.14 34.15 -5.08
C ILE B 382 -3.97 35.67 -5.22
N GLY B 383 -2.78 36.15 -4.88
CA GLY B 383 -2.44 37.57 -5.01
C GLY B 383 -1.89 37.92 -6.39
N ALA B 384 -1.51 39.18 -6.55
CA ALA B 384 -1.00 39.69 -7.82
C ALA B 384 0.47 39.34 -8.03
N ASP B 385 1.13 38.96 -6.94
CA ASP B 385 2.52 38.47 -6.98
C ASP B 385 2.60 36.97 -7.34
N GLY B 386 1.43 36.34 -7.50
CA GLY B 386 1.35 34.94 -7.87
C GLY B 386 1.48 34.03 -6.67
N CYS B 387 1.19 34.59 -5.50
CA CYS B 387 1.41 33.87 -4.26
C CYS B 387 0.15 33.67 -3.45
N VAL B 388 0.29 32.93 -2.35
CA VAL B 388 -0.82 32.56 -1.49
C VAL B 388 -0.37 32.69 -0.03
N GLU B 389 -1.32 32.80 0.90
CA GLU B 389 -1.02 33.04 2.31
C GLU B 389 -1.75 32.08 3.24
N PRO B 390 -1.08 31.65 4.34
CA PRO B 390 -1.79 30.87 5.35
C PRO B 390 -2.70 31.74 6.22
N PRO B 391 -3.92 31.25 6.54
CA PRO B 391 -4.86 31.92 7.44
C PRO B 391 -4.25 32.25 8.80
N ASP B 392 -4.54 33.45 9.30
CA ASP B 392 -3.96 33.92 10.55
C ASP B 392 -4.91 33.69 11.73
N ALA B 393 -5.17 32.42 12.02
CA ALA B 393 -6.09 32.01 13.07
C ALA B 393 -5.62 30.65 13.61
N PRO B 394 -5.88 30.36 14.91
CA PRO B 394 -5.37 29.13 15.55
C PRO B 394 -5.70 27.83 14.79
N GLY B 395 -4.76 26.88 14.83
CA GLY B 395 -4.89 25.61 14.12
C GLY B 395 -4.71 25.79 12.62
N LEU B 396 -5.63 25.22 11.86
CA LEU B 396 -5.62 25.35 10.41
C LEU B 396 -6.28 26.66 9.96
N GLY B 397 -6.97 27.32 10.89
CA GLY B 397 -7.60 28.62 10.63
C GLY B 397 -8.88 28.52 9.81
N ILE B 398 -9.48 27.34 9.80
CA ILE B 398 -10.73 27.10 9.08
C ILE B 398 -11.84 26.75 10.07
N GLU B 399 -12.98 27.43 9.91
CA GLU B 399 -14.15 27.23 10.75
C GLU B 399 -15.07 26.21 10.07
N VAL B 400 -15.33 25.10 10.75
CA VAL B 400 -16.12 24.02 10.17
C VAL B 400 -17.55 23.98 10.69
N ASP B 401 -18.48 24.32 9.80
CA ASP B 401 -19.90 24.17 10.06
C ASP B 401 -20.33 22.80 9.53
N GLU B 402 -20.81 21.94 10.43
CA GLU B 402 -21.09 20.55 10.09
C GLU B 402 -22.40 20.33 9.31
N SER B 403 -23.18 21.40 9.13
CA SER B 403 -24.44 21.34 8.40
C SER B 403 -24.25 21.44 6.88
N ILE B 404 -23.00 21.50 6.42
CA ILE B 404 -22.67 21.49 5.00
C ILE B 404 -22.46 20.05 4.52
N PHE B 405 -22.24 19.13 5.47
CA PHE B 405 -22.02 17.70 5.18
C PHE B 405 -23.28 17.05 4.60
N GLU B 406 -24.44 17.57 4.98
CA GLU B 406 -25.72 17.08 4.52
C GLU B 406 -25.98 17.44 3.06
N LYS B 407 -25.36 18.53 2.60
CA LYS B 407 -25.46 18.96 1.21
C LYS B 407 -24.69 18.04 0.26
N TYR B 408 -23.63 17.40 0.76
CA TYR B 408 -22.84 16.48 -0.03
C TYR B 408 -22.82 15.09 0.61
N PRO B 409 -23.87 14.27 0.34
CA PRO B 409 -23.94 12.96 0.97
C PRO B 409 -23.06 11.94 0.24
N ALA B 410 -22.89 10.75 0.84
CA ALA B 410 -22.07 9.70 0.27
C ALA B 410 -22.76 8.99 -0.90
N VAL B 411 -22.01 8.82 -1.99
CA VAL B 411 -22.46 8.06 -3.16
C VAL B 411 -21.53 6.86 -3.35
N ASP B 412 -22.12 5.67 -3.46
CA ASP B 412 -21.37 4.41 -3.48
C ASP B 412 -20.72 4.02 -4.82
N GLY B 413 -21.02 4.77 -5.88
CA GLY B 413 -20.54 4.45 -7.23
C GLY B 413 -19.06 4.74 -7.49
N PRO B 414 -18.58 4.45 -8.72
CA PRO B 414 -17.20 4.73 -9.11
C PRO B 414 -16.97 6.21 -9.43
N GLY B 415 -15.72 6.65 -9.28
CA GLY B 415 -15.38 8.06 -9.48
C GLY B 415 -14.69 8.37 -10.81
N TYR B 416 -14.36 7.32 -11.57
CA TYR B 416 -13.58 7.48 -12.80
C TYR B 416 -14.08 6.68 -14.00
N VAL B 417 -13.80 7.19 -15.20
CA VAL B 417 -14.12 6.51 -16.47
C VAL B 417 -12.87 6.45 -17.36
N VAL B 418 -12.46 5.24 -17.73
CA VAL B 418 -11.37 5.04 -18.69
C VAL B 418 -11.85 4.30 -19.95
#